data_3HA4
#
_entry.id   3HA4
#
_cell.length_a   92.524
_cell.length_b   100.389
_cell.length_c   140.651
_cell.angle_alpha   90.00
_cell.angle_beta   90.00
_cell.angle_gamma   90.00
#
_symmetry.space_group_name_H-M   'P 21 21 21'
#
loop_
_entity.id
_entity.type
_entity.pdbx_description
1 polymer MIX1
2 non-polymer 'CARBONATE ION'
3 water water
#
_entity_poly.entity_id   1
_entity_poly.type   'polypeptide(L)'
_entity_poly.pdbx_seq_one_letter_code
;GSHMKETKKAGPIELPEELEAQRQRHNDPRRPPWPLLHQRVVLLREGKGAPEDIALMWEQTKHYYPADWLIPLELTQVLK
YSSGKYLQTYVADPDEMRKEVLMQLLNVKYGRVSDPNGGRVNKDVEEIISMAVDDLENMDLNPAADAVLIPTHT
;
_entity_poly.pdbx_strand_id   A,B,C,D,E,F,G,H
#
loop_
_chem_comp.id
_chem_comp.type
_chem_comp.name
_chem_comp.formula
CO3 non-polymer 'CARBONATE ION' 'C O3 -2'
#
# COMPACT_ATOMS: atom_id res chain seq x y z
N GLU A 17 25.06 6.90 -34.14
CA GLU A 17 25.95 8.04 -34.23
C GLU A 17 26.28 8.52 -32.85
N GLU A 18 25.37 9.36 -32.38
CA GLU A 18 25.26 9.81 -31.01
C GLU A 18 23.80 9.70 -30.80
N LEU A 19 23.13 9.42 -31.90
CA LEU A 19 21.78 9.01 -31.91
C LEU A 19 21.76 7.61 -31.31
N GLU A 20 22.93 7.01 -31.09
CA GLU A 20 22.98 5.76 -30.37
C GLU A 20 22.94 6.01 -28.90
N ALA A 21 23.87 6.80 -28.39
CA ALA A 21 23.94 7.04 -26.99
C ALA A 21 22.62 7.50 -26.47
N GLN A 22 21.82 8.08 -27.34
CA GLN A 22 20.56 8.65 -26.92
C GLN A 22 19.48 7.62 -26.83
N ARG A 23 19.56 6.62 -27.68
N ARG A 23 19.59 6.63 -27.68
CA ARG A 23 18.61 5.55 -27.67
CA ARG A 23 18.65 5.57 -27.68
C ARG A 23 18.89 4.69 -26.48
C ARG A 23 18.90 4.74 -26.47
N GLN A 24 20.14 4.57 -26.10
CA GLN A 24 20.47 3.81 -24.92
C GLN A 24 20.02 4.39 -23.63
N ARG A 25 20.22 5.68 -23.43
CA ARG A 25 19.84 6.33 -22.20
C ARG A 25 18.36 6.49 -22.12
N HIS A 26 17.76 6.57 -23.26
CA HIS A 26 16.36 6.73 -23.27
C HIS A 26 15.70 5.42 -22.92
N ASN A 27 16.31 4.33 -23.29
CA ASN A 27 15.78 3.04 -22.96
C ASN A 27 16.07 2.63 -21.54
N ASP A 28 16.96 3.33 -20.86
CA ASP A 28 17.35 3.02 -19.49
C ASP A 28 16.12 2.98 -18.59
N PRO A 29 15.94 1.86 -17.92
CA PRO A 29 14.83 1.63 -17.03
C PRO A 29 14.86 2.55 -15.85
N ARG A 30 16.02 3.03 -15.52
CA ARG A 30 16.24 3.90 -14.41
C ARG A 30 16.05 5.35 -14.72
N ARG A 31 15.71 5.68 -15.93
CA ARG A 31 15.59 7.06 -16.28
C ARG A 31 14.34 7.73 -15.72
N PRO A 32 14.52 8.83 -14.99
CA PRO A 32 13.38 9.56 -14.46
C PRO A 32 12.64 10.18 -15.62
N PRO A 33 11.32 10.04 -15.67
CA PRO A 33 10.67 10.78 -16.76
C PRO A 33 10.89 12.28 -16.55
N TRP A 34 11.05 13.02 -17.65
CA TRP A 34 11.32 14.46 -17.60
C TRP A 34 10.26 15.27 -16.82
N PRO A 35 9.00 14.98 -16.97
CA PRO A 35 8.04 15.79 -16.28
C PRO A 35 8.04 15.62 -14.80
N LEU A 36 8.36 14.46 -14.27
CA LEU A 36 8.45 14.32 -12.84
C LEU A 36 9.71 14.95 -12.28
N LEU A 37 10.77 14.91 -13.07
CA LEU A 37 12.02 15.54 -12.80
C LEU A 37 11.91 17.04 -12.80
N HIS A 38 11.17 17.58 -13.73
CA HIS A 38 10.91 18.98 -13.74
C HIS A 38 10.10 19.36 -12.53
N GLN A 39 9.11 18.56 -12.21
CA GLN A 39 8.28 18.76 -11.03
C GLN A 39 9.08 18.70 -9.72
N ARG A 40 10.09 17.85 -9.66
CA ARG A 40 10.91 17.73 -8.48
C ARG A 40 11.82 18.91 -8.31
N VAL A 41 12.27 19.43 -9.41
CA VAL A 41 13.19 20.55 -9.40
C VAL A 41 12.47 21.83 -9.06
N VAL A 42 11.21 21.89 -9.42
CA VAL A 42 10.41 23.06 -9.18
C VAL A 42 9.98 23.24 -7.74
N LEU A 43 10.02 22.17 -6.99
CA LEU A 43 9.68 22.15 -5.60
C LEU A 43 10.78 22.79 -4.81
N LEU A 44 11.96 22.83 -5.36
CA LEU A 44 13.10 23.28 -4.62
C LEU A 44 13.07 24.73 -4.24
N ARG A 45 12.66 25.60 -5.13
CA ARG A 45 12.68 27.01 -4.85
C ARG A 45 11.71 27.42 -3.78
N GLU A 46 10.78 26.55 -3.46
CA GLU A 46 9.82 26.85 -2.45
C GLU A 46 10.16 26.15 -1.17
N GLY A 47 11.32 25.52 -1.13
CA GLY A 47 11.77 24.78 0.01
C GLY A 47 10.89 23.63 0.36
N LYS A 48 10.39 22.91 -0.63
CA LYS A 48 9.50 21.82 -0.38
C LYS A 48 9.97 20.54 -1.05
N GLY A 49 11.17 20.60 -1.59
CA GLY A 49 11.67 19.51 -2.37
C GLY A 49 12.68 18.71 -1.64
N ALA A 50 13.51 18.02 -2.40
CA ALA A 50 14.60 17.28 -1.86
C ALA A 50 15.90 17.88 -2.30
N PRO A 51 16.38 18.86 -1.56
CA PRO A 51 17.59 19.57 -1.89
C PRO A 51 18.82 18.74 -1.73
N GLU A 52 18.74 17.75 -0.89
CA GLU A 52 19.81 16.76 -0.77
C GLU A 52 19.99 15.98 -2.09
N ASP A 53 19.03 16.10 -3.00
CA ASP A 53 19.06 15.36 -4.25
C ASP A 53 19.36 16.22 -5.48
N ILE A 54 19.74 17.46 -5.26
CA ILE A 54 20.02 18.40 -6.33
C ILE A 54 21.09 17.95 -7.29
N ALA A 55 22.23 17.58 -6.77
CA ALA A 55 23.35 17.07 -7.54
C ALA A 55 22.90 15.91 -8.43
N LEU A 56 22.18 14.98 -7.82
CA LEU A 56 21.71 13.79 -8.52
C LEU A 56 20.68 14.17 -9.58
N MET A 57 19.79 15.10 -9.20
CA MET A 57 18.77 15.57 -10.13
C MET A 57 19.41 16.31 -11.29
N TRP A 58 20.46 17.09 -11.01
CA TRP A 58 21.19 17.83 -12.03
C TRP A 58 21.91 16.85 -12.94
N GLU A 59 22.57 15.87 -12.32
CA GLU A 59 23.25 14.79 -13.01
C GLU A 59 22.30 14.00 -13.90
N GLN A 60 21.09 13.78 -13.41
CA GLN A 60 20.08 13.13 -14.24
C GLN A 60 19.73 13.96 -15.46
N THR A 61 19.70 15.29 -15.33
CA THR A 61 19.28 16.08 -16.48
C THR A 61 20.40 16.21 -17.53
N LYS A 62 21.65 16.38 -17.09
CA LYS A 62 22.76 16.40 -18.02
C LYS A 62 22.82 15.10 -18.81
N HIS A 63 22.51 14.01 -18.12
CA HIS A 63 22.71 12.67 -18.68
C HIS A 63 21.56 12.26 -19.60
N TYR A 64 20.34 12.42 -19.09
CA TYR A 64 19.14 12.00 -19.81
C TYR A 64 18.56 13.09 -20.73
N TYR A 65 18.81 14.35 -20.38
CA TYR A 65 18.20 15.46 -21.11
C TYR A 65 19.19 16.62 -21.36
N PRO A 66 20.33 16.34 -21.99
CA PRO A 66 21.38 17.34 -22.21
C PRO A 66 20.93 18.47 -23.15
N ALA A 67 19.82 18.26 -23.85
CA ALA A 67 19.29 19.26 -24.77
C ALA A 67 18.21 20.15 -24.17
N ASP A 68 17.77 19.84 -22.95
CA ASP A 68 16.72 20.62 -22.31
C ASP A 68 17.21 21.96 -21.74
N TRP A 69 16.35 22.99 -21.83
CA TRP A 69 16.69 24.32 -21.29
C TRP A 69 15.82 24.65 -20.08
N LEU A 70 14.65 24.03 -20.01
CA LEU A 70 13.66 24.36 -18.99
C LEU A 70 14.18 24.06 -17.58
N ILE A 71 14.70 22.85 -17.39
CA ILE A 71 15.22 22.49 -16.09
C ILE A 71 16.43 23.34 -15.71
N PRO A 72 17.38 23.52 -16.65
CA PRO A 72 18.51 24.44 -16.36
C PRO A 72 18.07 25.85 -16.02
N LEU A 73 17.01 26.34 -16.67
CA LEU A 73 16.44 27.63 -16.33
C LEU A 73 15.97 27.63 -14.86
N GLU A 74 15.25 26.58 -14.48
CA GLU A 74 14.74 26.45 -13.11
C GLU A 74 15.89 26.34 -12.08
N LEU A 75 16.87 25.50 -12.39
CA LEU A 75 18.08 25.43 -11.57
C LEU A 75 18.81 26.77 -11.44
N THR A 76 18.83 27.55 -12.51
CA THR A 76 19.44 28.87 -12.46
C THR A 76 18.76 29.72 -11.39
N GLN A 77 17.43 29.70 -11.36
CA GLN A 77 16.68 30.39 -10.28
C GLN A 77 17.06 29.83 -8.90
N VAL A 78 17.23 28.51 -8.80
CA VAL A 78 17.75 27.93 -7.55
C VAL A 78 19.11 28.50 -7.18
N LEU A 79 20.05 28.51 -8.13
CA LEU A 79 21.37 29.10 -7.87
C LEU A 79 21.30 30.62 -7.60
N LYS A 80 20.47 31.32 -8.37
CA LYS A 80 20.23 32.75 -8.17
C LYS A 80 19.74 33.11 -6.76
N TYR A 81 18.61 32.52 -6.38
CA TYR A 81 17.90 32.99 -5.20
C TYR A 81 18.17 32.24 -3.89
N SER A 82 18.84 31.10 -3.97
CA SER A 82 19.20 30.39 -2.75
C SER A 82 20.40 31.10 -2.13
N SER A 83 20.58 30.90 -0.83
CA SER A 83 21.67 31.52 -0.10
C SER A 83 22.92 30.68 -0.24
N GLY A 84 24.08 31.31 -0.07
CA GLY A 84 25.34 30.60 -0.09
C GLY A 84 25.40 29.38 0.82
N LYS A 85 24.94 29.55 2.06
CA LYS A 85 24.98 28.45 3.03
C LYS A 85 24.13 27.27 2.60
N TYR A 86 22.91 27.57 2.16
CA TYR A 86 21.98 26.57 1.69
C TYR A 86 22.61 25.77 0.56
N LEU A 87 23.14 26.46 -0.44
CA LEU A 87 23.78 25.80 -1.57
C LEU A 87 24.96 24.94 -1.15
N GLN A 88 25.86 25.51 -0.34
CA GLN A 88 26.99 24.75 0.19
C GLN A 88 26.59 23.55 1.08
N THR A 89 25.43 23.56 1.68
CA THR A 89 24.94 22.43 2.45
C THR A 89 24.65 21.23 1.57
N TYR A 90 24.02 21.48 0.44
CA TYR A 90 23.49 20.45 -0.39
C TYR A 90 24.27 20.15 -1.65
N VAL A 91 25.14 21.04 -2.06
CA VAL A 91 25.96 20.82 -3.23
C VAL A 91 27.44 20.90 -2.90
N ALA A 92 28.17 19.85 -3.23
CA ALA A 92 29.58 19.77 -3.01
C ALA A 92 30.38 20.93 -3.58
N ASP A 93 30.22 21.19 -4.86
CA ASP A 93 30.76 22.39 -5.50
C ASP A 93 29.62 23.03 -6.21
N PRO A 94 29.27 24.21 -5.78
CA PRO A 94 28.19 24.95 -6.36
C PRO A 94 28.65 25.71 -7.55
N ASP A 95 29.84 26.25 -7.53
CA ASP A 95 30.30 27.00 -8.66
C ASP A 95 30.60 26.10 -9.80
N GLU A 96 30.84 24.84 -9.54
CA GLU A 96 31.02 23.93 -10.64
C GLU A 96 29.72 23.55 -11.28
N MET A 97 28.67 23.46 -10.49
CA MET A 97 27.35 23.19 -10.99
C MET A 97 26.84 24.31 -11.84
N ARG A 98 27.15 25.52 -11.45
CA ARG A 98 26.85 26.73 -12.13
C ARG A 98 27.40 26.72 -13.52
N LYS A 99 28.63 26.27 -13.61
CA LYS A 99 29.35 26.19 -14.84
C LYS A 99 28.81 25.16 -15.76
N GLU A 100 28.27 24.09 -15.21
CA GLU A 100 27.66 23.04 -16.01
C GLU A 100 26.29 23.43 -16.52
N VAL A 101 25.48 24.05 -15.66
CA VAL A 101 24.18 24.56 -16.09
C VAL A 101 24.37 25.59 -17.19
N LEU A 102 25.35 26.48 -16.99
CA LEU A 102 25.72 27.46 -18.00
C LEU A 102 26.08 26.75 -19.32
N MET A 103 27.02 25.81 -19.24
CA MET A 103 27.40 25.03 -20.41
C MET A 103 26.21 24.36 -21.15
N GLN A 104 25.29 23.75 -20.42
CA GLN A 104 24.16 23.13 -21.10
C GLN A 104 23.24 24.14 -21.79
N LEU A 105 22.98 25.27 -21.13
CA LEU A 105 22.17 26.33 -21.72
C LEU A 105 22.84 26.86 -22.97
N LEU A 106 24.16 27.00 -22.91
CA LEU A 106 24.92 27.48 -24.06
C LEU A 106 24.86 26.49 -25.23
N ASN A 107 24.90 25.19 -24.93
CA ASN A 107 24.76 24.15 -25.97
C ASN A 107 23.41 24.27 -26.64
N VAL A 108 22.36 24.54 -25.88
CA VAL A 108 21.03 24.65 -26.46
C VAL A 108 20.91 25.90 -27.33
N LYS A 109 21.43 27.01 -26.82
CA LYS A 109 21.36 28.29 -27.50
C LYS A 109 22.06 28.25 -28.86
N TYR A 110 23.18 27.54 -28.92
CA TYR A 110 23.96 27.50 -30.15
C TYR A 110 23.72 26.23 -30.93
N GLY A 111 22.72 25.47 -30.58
CA GLY A 111 22.35 24.32 -31.33
C GLY A 111 23.34 23.20 -31.36
N ARG A 112 24.20 23.15 -30.37
CA ARG A 112 25.16 22.08 -30.19
C ARG A 112 24.46 20.81 -29.80
N VAL A 113 23.23 20.95 -29.40
CA VAL A 113 22.46 19.86 -28.93
C VAL A 113 21.06 20.17 -29.36
N SER A 114 20.22 19.20 -29.59
CA SER A 114 18.90 19.53 -30.05
C SER A 114 17.78 18.64 -29.57
N ASP A 115 16.56 19.09 -29.81
CA ASP A 115 15.41 18.44 -29.30
C ASP A 115 15.10 18.71 -27.87
N PRO A 116 15.17 19.97 -27.47
CA PRO A 116 14.97 20.34 -26.09
C PRO A 116 13.59 20.04 -25.59
N ASN A 117 13.55 19.51 -24.38
CA ASN A 117 12.36 19.06 -23.72
C ASN A 117 11.38 20.16 -23.48
N GLY A 118 11.90 21.34 -23.21
CA GLY A 118 11.07 22.47 -22.87
C GLY A 118 10.31 22.94 -24.08
N GLY A 119 10.64 22.38 -25.22
CA GLY A 119 10.11 22.84 -26.46
C GLY A 119 11.11 23.59 -27.29
N ARG A 120 10.63 24.02 -28.45
CA ARG A 120 11.46 24.54 -29.49
C ARG A 120 12.01 25.88 -29.14
N VAL A 121 13.29 26.03 -29.42
CA VAL A 121 13.98 27.27 -29.26
C VAL A 121 13.62 28.18 -30.40
N ASN A 122 12.36 28.55 -30.39
CA ASN A 122 11.94 29.64 -31.17
C ASN A 122 12.80 30.71 -30.60
N LYS A 123 12.42 31.94 -30.80
CA LYS A 123 13.34 33.02 -30.66
C LYS A 123 13.21 33.67 -29.32
N ASP A 124 12.05 33.58 -28.75
CA ASP A 124 11.79 34.03 -27.43
C ASP A 124 12.49 33.18 -26.44
N VAL A 125 12.57 31.89 -26.73
CA VAL A 125 13.18 30.94 -25.87
C VAL A 125 14.65 31.17 -25.86
N GLU A 126 15.21 31.58 -26.97
CA GLU A 126 16.62 31.78 -27.03
C GLU A 126 17.00 33.00 -26.29
N GLU A 127 16.04 33.87 -26.08
CA GLU A 127 16.28 35.10 -25.36
C GLU A 127 16.22 34.89 -23.87
N ILE A 128 15.28 34.10 -23.41
CA ILE A 128 15.16 33.75 -22.02
C ILE A 128 16.36 32.96 -21.52
N ILE A 129 16.96 32.21 -22.42
CA ILE A 129 18.17 31.48 -22.21
C ILE A 129 19.36 32.39 -22.17
N SER A 130 19.34 33.44 -22.95
CA SER A 130 20.40 34.39 -22.90
C SER A 130 20.39 35.15 -21.60
N MET A 131 19.22 35.40 -21.08
CA MET A 131 19.05 36.05 -19.83
C MET A 131 19.52 35.17 -18.72
N ALA A 132 19.21 33.89 -18.77
CA ALA A 132 19.70 32.96 -17.76
C ALA A 132 21.21 32.81 -17.86
N VAL A 133 21.72 32.81 -19.09
CA VAL A 133 23.15 32.72 -19.34
C VAL A 133 23.89 33.88 -18.66
N ASP A 134 23.38 35.10 -18.87
CA ASP A 134 23.90 36.30 -18.20
C ASP A 134 23.91 36.10 -16.70
N ASP A 135 22.76 35.67 -16.17
CA ASP A 135 22.63 35.45 -14.74
C ASP A 135 23.75 34.54 -14.27
N LEU A 136 23.93 33.43 -14.96
CA LEU A 136 24.97 32.47 -14.58
C LEU A 136 26.33 33.14 -14.68
N GLU A 137 26.64 33.69 -15.82
CA GLU A 137 27.88 34.39 -16.00
C GLU A 137 28.17 35.42 -14.91
N ASN A 138 27.13 36.11 -14.45
CA ASN A 138 27.30 37.15 -13.44
C ASN A 138 27.44 36.63 -12.01
N MET A 139 27.34 35.31 -11.88
CA MET A 139 27.25 34.66 -10.60
C MET A 139 28.60 34.09 -10.20
N ASP A 140 28.97 34.27 -8.93
CA ASP A 140 30.08 33.51 -8.33
C ASP A 140 29.61 32.91 -7.00
N LEU A 141 29.69 31.58 -6.92
CA LEU A 141 29.11 30.82 -5.82
C LEU A 141 30.19 30.16 -4.98
N ASN A 142 31.44 30.58 -5.20
CA ASN A 142 32.53 30.16 -4.32
C ASN A 142 32.36 30.85 -2.98
N PRO A 143 32.75 30.16 -1.89
CA PRO A 143 32.56 30.67 -0.53
C PRO A 143 32.94 32.15 -0.40
N GLN B 24 -2.26 -31.69 -9.20
CA GLN B 24 -2.09 -30.26 -8.92
C GLN B 24 -2.88 -29.85 -7.69
N ARG B 25 -4.15 -30.21 -7.63
CA ARG B 25 -4.92 -29.96 -6.42
C ARG B 25 -4.58 -31.05 -5.42
N HIS B 26 -4.11 -32.17 -5.95
CA HIS B 26 -3.86 -33.36 -5.18
C HIS B 26 -2.51 -33.35 -4.56
N ASN B 27 -1.74 -32.30 -4.79
CA ASN B 27 -0.39 -32.21 -4.27
C ASN B 27 -0.31 -31.10 -3.23
N ASP B 28 -1.39 -30.35 -3.15
CA ASP B 28 -1.59 -29.36 -2.13
C ASP B 28 -1.30 -29.97 -0.78
N PRO B 29 -0.45 -29.34 0.04
CA PRO B 29 -0.15 -29.82 1.39
C PRO B 29 -1.32 -29.62 2.34
N ARG B 30 -2.26 -28.77 1.93
CA ARG B 30 -3.38 -28.42 2.78
C ARG B 30 -4.67 -29.13 2.39
N ARG B 31 -4.56 -30.09 1.48
CA ARG B 31 -5.67 -30.97 1.13
C ARG B 31 -5.80 -32.05 2.21
N PRO B 32 -6.98 -32.11 2.86
CA PRO B 32 -7.23 -33.08 3.93
C PRO B 32 -7.46 -34.44 3.31
N PRO B 33 -6.73 -35.48 3.77
CA PRO B 33 -6.89 -36.79 3.13
C PRO B 33 -8.35 -37.22 3.25
N TRP B 34 -8.85 -37.79 2.15
CA TRP B 34 -10.27 -38.12 2.03
C TRP B 34 -10.85 -38.93 3.20
N PRO B 35 -10.10 -39.92 3.72
CA PRO B 35 -10.64 -40.71 4.84
C PRO B 35 -10.88 -39.85 6.06
N LEU B 36 -9.95 -38.94 6.31
CA LEU B 36 -10.07 -38.01 7.43
C LEU B 36 -11.22 -37.02 7.21
N LEU B 37 -11.39 -36.55 5.97
CA LEU B 37 -12.48 -35.64 5.66
C LEU B 37 -13.81 -36.38 5.77
N HIS B 38 -13.84 -37.62 5.31
CA HIS B 38 -15.04 -38.44 5.39
C HIS B 38 -15.41 -38.65 6.84
N GLN B 39 -14.39 -38.87 7.67
CA GLN B 39 -14.60 -39.15 9.09
C GLN B 39 -15.25 -37.96 9.75
N ARG B 40 -14.75 -36.78 9.43
CA ARG B 40 -15.26 -35.53 10.00
C ARG B 40 -16.72 -35.36 9.62
N VAL B 41 -17.03 -35.65 8.36
CA VAL B 41 -18.38 -35.47 7.85
C VAL B 41 -19.35 -36.41 8.57
N VAL B 42 -18.88 -37.60 8.89
CA VAL B 42 -19.67 -38.61 9.51
C VAL B 42 -20.04 -38.21 10.92
N LEU B 43 -19.32 -37.26 11.46
CA LEU B 43 -19.50 -36.84 12.80
C LEU B 43 -20.67 -35.93 12.92
N LEU B 44 -20.91 -35.16 11.90
CA LEU B 44 -21.93 -34.15 11.83
C LEU B 44 -23.36 -34.51 12.19
N ARG B 45 -23.85 -35.65 11.73
CA ARG B 45 -25.20 -36.08 12.06
C ARG B 45 -25.37 -36.40 13.52
N GLU B 46 -24.29 -36.75 14.18
CA GLU B 46 -24.32 -36.95 15.60
C GLU B 46 -24.19 -35.59 16.21
N GLY B 47 -24.08 -34.61 15.37
CA GLY B 47 -23.97 -33.27 15.83
C GLY B 47 -22.78 -33.25 16.69
N LYS B 48 -21.73 -33.90 16.27
CA LYS B 48 -20.60 -33.88 17.14
C LYS B 48 -19.24 -33.93 16.57
N GLY B 49 -18.85 -33.01 15.72
CA GLY B 49 -17.44 -32.83 15.49
C GLY B 49 -16.94 -31.40 15.57
N ALA B 50 -17.04 -30.72 14.43
CA ALA B 50 -16.78 -29.33 14.25
C ALA B 50 -17.85 -28.89 13.33
N PRO B 51 -19.05 -28.80 13.84
CA PRO B 51 -20.25 -28.64 13.05
C PRO B 51 -20.19 -27.34 12.32
N GLU B 52 -19.39 -26.45 12.83
CA GLU B 52 -19.28 -25.09 12.36
C GLU B 52 -18.48 -25.10 11.10
N ASP B 53 -17.93 -26.26 10.78
CA ASP B 53 -17.08 -26.33 9.61
C ASP B 53 -17.77 -26.97 8.42
N ILE B 54 -19.08 -27.21 8.54
CA ILE B 54 -19.85 -27.77 7.43
C ILE B 54 -19.43 -27.15 6.11
N ALA B 55 -19.46 -25.83 6.04
CA ALA B 55 -19.13 -25.10 4.82
C ALA B 55 -17.72 -25.40 4.30
N LEU B 56 -16.73 -25.37 5.21
CA LEU B 56 -15.36 -25.71 4.84
C LEU B 56 -15.24 -27.15 4.31
N MET B 57 -15.83 -28.09 5.06
CA MET B 57 -15.75 -29.51 4.70
C MET B 57 -16.31 -29.73 3.31
N TRP B 58 -17.45 -29.13 3.04
CA TRP B 58 -18.05 -29.17 1.75
C TRP B 58 -17.22 -28.52 0.67
N GLU B 59 -16.60 -27.40 0.97
CA GLU B 59 -15.75 -26.76 0.00
C GLU B 59 -14.59 -27.60 -0.33
N GLN B 60 -14.01 -28.23 0.67
CA GLN B 60 -12.87 -29.08 0.49
C GLN B 60 -13.19 -30.25 -0.40
N THR B 61 -14.37 -30.81 -0.24
CA THR B 61 -14.85 -31.89 -1.08
C THR B 61 -15.16 -31.51 -2.51
N LYS B 62 -15.69 -30.33 -2.75
CA LYS B 62 -15.88 -29.90 -4.14
C LYS B 62 -14.50 -29.68 -4.73
N HIS B 63 -13.66 -28.96 -4.00
CA HIS B 63 -12.35 -28.62 -4.50
C HIS B 63 -11.45 -29.84 -4.67
N TYR B 64 -11.32 -30.63 -3.62
CA TYR B 64 -10.33 -31.71 -3.62
C TYR B 64 -10.87 -33.04 -4.09
N TYR B 65 -12.19 -33.23 -4.03
CA TYR B 65 -12.78 -34.52 -4.35
C TYR B 65 -14.11 -34.37 -5.09
N PRO B 66 -14.06 -33.77 -6.27
CA PRO B 66 -15.26 -33.46 -7.07
C PRO B 66 -15.97 -34.73 -7.55
N ALA B 67 -15.23 -35.83 -7.65
CA ALA B 67 -15.80 -37.07 -8.18
C ALA B 67 -16.42 -37.96 -7.11
N ASP B 68 -16.27 -37.65 -5.86
CA ASP B 68 -16.82 -38.49 -4.82
C ASP B 68 -18.31 -38.47 -4.73
N TRP B 69 -18.92 -39.60 -4.44
CA TRP B 69 -20.34 -39.65 -4.14
C TRP B 69 -20.66 -39.90 -2.70
N LEU B 70 -19.73 -40.45 -1.96
CA LEU B 70 -19.90 -40.80 -0.56
C LEU B 70 -20.05 -39.67 0.43
N ILE B 71 -19.21 -38.66 0.34
CA ILE B 71 -19.39 -37.51 1.17
C ILE B 71 -20.63 -36.73 0.81
N PRO B 72 -20.85 -36.51 -0.48
CA PRO B 72 -22.04 -35.79 -0.96
C PRO B 72 -23.31 -36.49 -0.48
N LEU B 73 -23.31 -37.81 -0.53
CA LEU B 73 -24.45 -38.60 -0.08
C LEU B 73 -24.63 -38.44 1.42
N GLU B 74 -23.54 -38.55 2.16
CA GLU B 74 -23.57 -38.37 3.60
C GLU B 74 -24.07 -36.97 3.96
N LEU B 75 -23.71 -36.00 3.14
CA LEU B 75 -24.15 -34.62 3.34
C LEU B 75 -25.66 -34.52 3.13
N THR B 76 -26.17 -35.24 2.15
CA THR B 76 -27.59 -35.26 1.86
C THR B 76 -28.37 -35.58 3.13
N GLN B 77 -27.89 -36.57 3.87
CA GLN B 77 -28.53 -36.96 5.14
C GLN B 77 -28.49 -35.81 6.14
N VAL B 78 -27.34 -35.15 6.23
CA VAL B 78 -27.22 -33.97 7.09
C VAL B 78 -28.30 -32.93 6.79
N LEU B 79 -28.43 -32.53 5.52
CA LEU B 79 -29.44 -31.54 5.11
C LEU B 79 -30.84 -32.11 5.29
N LYS B 80 -30.95 -33.41 5.12
CA LYS B 80 -32.24 -34.08 5.19
C LYS B 80 -32.75 -34.20 6.63
N TYR B 81 -31.85 -34.39 7.59
CA TYR B 81 -32.29 -34.68 8.95
C TYR B 81 -31.94 -33.60 9.96
N SER B 82 -31.08 -32.65 9.57
CA SER B 82 -30.72 -31.55 10.45
C SER B 82 -31.89 -30.61 10.73
N SER B 83 -31.71 -29.78 11.74
CA SER B 83 -32.74 -28.82 12.13
C SER B 83 -32.58 -27.56 11.30
N GLY B 84 -33.68 -26.85 11.10
CA GLY B 84 -33.64 -25.58 10.39
C GLY B 84 -32.68 -24.62 11.06
N LYS B 85 -32.62 -24.70 12.40
CA LYS B 85 -31.72 -23.88 13.19
C LYS B 85 -30.27 -24.11 12.80
N TYR B 86 -29.81 -25.33 13.01
CA TYR B 86 -28.47 -25.77 12.67
C TYR B 86 -28.02 -25.22 11.32
N LEU B 87 -28.81 -25.49 10.29
CA LEU B 87 -28.41 -25.14 8.93
C LEU B 87 -28.29 -23.63 8.74
N GLN B 88 -29.37 -22.91 9.07
CA GLN B 88 -29.36 -21.45 8.96
C GLN B 88 -28.17 -20.87 9.72
N THR B 89 -27.88 -21.46 10.87
CA THR B 89 -26.77 -21.01 11.70
C THR B 89 -25.38 -21.16 11.06
N TYR B 90 -25.00 -22.39 10.73
CA TYR B 90 -23.65 -22.67 10.27
C TYR B 90 -23.38 -22.77 8.79
N VAL B 91 -24.39 -22.62 7.95
CA VAL B 91 -24.12 -22.48 6.53
C VAL B 91 -24.85 -21.27 5.97
N ALA B 92 -24.15 -20.43 5.23
CA ALA B 92 -24.74 -19.18 4.83
C ALA B 92 -25.94 -19.34 3.96
N ASP B 93 -25.84 -20.17 2.93
CA ASP B 93 -26.99 -20.43 2.08
C ASP B 93 -27.17 -21.91 2.05
N PRO B 94 -28.18 -22.36 2.75
CA PRO B 94 -28.55 -23.75 2.80
C PRO B 94 -29.05 -24.31 1.51
N ASP B 95 -29.87 -23.58 0.79
CA ASP B 95 -30.44 -24.07 -0.47
C ASP B 95 -29.42 -24.15 -1.58
N GLU B 96 -28.43 -23.27 -1.54
CA GLU B 96 -27.35 -23.31 -2.53
C GLU B 96 -26.49 -24.54 -2.30
N MET B 97 -26.17 -24.84 -1.05
CA MET B 97 -25.42 -26.03 -0.71
C MET B 97 -26.14 -27.28 -1.23
N ARG B 98 -27.41 -27.42 -0.87
CA ARG B 98 -28.27 -28.46 -1.43
C ARG B 98 -28.08 -28.55 -2.96
N LYS B 99 -28.10 -27.42 -3.64
CA LYS B 99 -27.98 -27.42 -5.09
C LYS B 99 -26.60 -27.91 -5.55
N GLU B 100 -25.55 -27.51 -4.84
CA GLU B 100 -24.21 -27.95 -5.18
C GLU B 100 -24.00 -29.45 -4.95
N VAL B 101 -24.52 -29.97 -3.83
CA VAL B 101 -24.40 -31.38 -3.51
C VAL B 101 -25.14 -32.20 -4.57
N LEU B 102 -26.30 -31.68 -4.97
CA LEU B 102 -27.09 -32.24 -6.06
C LEU B 102 -26.27 -32.32 -7.34
N MET B 103 -25.57 -31.24 -7.65
CA MET B 103 -24.78 -31.14 -8.89
C MET B 103 -23.61 -32.13 -8.93
N GLN B 104 -22.87 -32.25 -7.83
CA GLN B 104 -21.82 -33.27 -7.76
C GLN B 104 -22.34 -34.70 -7.94
N LEU B 105 -23.43 -35.05 -7.27
CA LEU B 105 -24.01 -36.38 -7.43
C LEU B 105 -24.44 -36.65 -8.87
N LEU B 106 -25.04 -35.66 -9.52
CA LEU B 106 -25.39 -35.84 -10.94
C LEU B 106 -24.13 -35.97 -11.80
N ASN B 107 -23.10 -35.18 -11.51
CA ASN B 107 -21.82 -35.36 -12.17
C ASN B 107 -21.34 -36.79 -12.09
N VAL B 108 -21.41 -37.37 -10.89
CA VAL B 108 -20.97 -38.74 -10.67
C VAL B 108 -21.85 -39.75 -11.40
N LYS B 109 -23.17 -39.60 -11.26
CA LYS B 109 -24.13 -40.53 -11.86
C LYS B 109 -24.04 -40.59 -13.39
N TYR B 110 -23.94 -39.43 -14.03
CA TYR B 110 -23.83 -39.40 -15.49
C TYR B 110 -22.37 -39.29 -15.94
N GLY B 111 -21.45 -39.74 -15.09
CA GLY B 111 -20.06 -39.91 -15.46
C GLY B 111 -19.31 -38.72 -16.01
N ARG B 112 -19.63 -37.53 -15.52
CA ARG B 112 -18.98 -36.30 -15.92
C ARG B 112 -17.77 -36.09 -15.09
N VAL B 113 -17.57 -36.92 -14.10
CA VAL B 113 -16.35 -36.96 -13.32
C VAL B 113 -15.91 -38.40 -13.13
N SER B 114 -14.64 -38.60 -12.89
CA SER B 114 -14.07 -39.94 -12.88
C SER B 114 -13.47 -40.37 -11.56
N ASP B 115 -13.39 -41.66 -11.34
CA ASP B 115 -12.68 -42.20 -10.17
C ASP B 115 -13.13 -41.82 -8.78
N PRO B 116 -14.38 -42.10 -8.45
CA PRO B 116 -15.01 -41.66 -7.20
C PRO B 116 -14.27 -42.23 -6.01
N ASN B 117 -13.97 -41.41 -4.99
CA ASN B 117 -13.26 -41.93 -3.83
C ASN B 117 -13.98 -43.07 -3.14
N GLY B 118 -15.30 -42.99 -3.07
CA GLY B 118 -16.13 -44.00 -2.44
C GLY B 118 -16.30 -45.27 -3.26
N GLY B 119 -15.46 -45.44 -4.29
CA GLY B 119 -15.45 -46.68 -5.05
C GLY B 119 -16.34 -46.62 -6.27
N ARG B 120 -16.18 -47.58 -7.14
CA ARG B 120 -16.82 -47.56 -8.45
C ARG B 120 -18.31 -47.52 -8.33
N VAL B 121 -18.95 -46.87 -9.27
CA VAL B 121 -20.37 -46.79 -9.26
C VAL B 121 -20.88 -47.95 -10.05
N ASN B 122 -21.40 -48.92 -9.35
CA ASN B 122 -22.01 -50.04 -9.95
C ASN B 122 -23.47 -49.70 -10.04
N LYS B 123 -24.27 -50.68 -10.36
CA LYS B 123 -25.66 -50.45 -10.45
C LYS B 123 -26.22 -50.01 -9.14
N ASP B 124 -25.83 -50.63 -8.05
CA ASP B 124 -26.31 -50.29 -6.73
C ASP B 124 -25.93 -48.91 -6.30
N VAL B 125 -24.72 -48.47 -6.59
CA VAL B 125 -24.25 -47.15 -6.27
C VAL B 125 -25.01 -46.11 -7.07
N GLU B 126 -25.20 -46.38 -8.36
CA GLU B 126 -25.99 -45.46 -9.17
C GLU B 126 -27.40 -45.32 -8.60
N GLU B 127 -27.94 -46.42 -8.08
CA GLU B 127 -29.27 -46.41 -7.46
C GLU B 127 -29.29 -45.56 -6.19
N ILE B 128 -28.26 -45.70 -5.37
CA ILE B 128 -28.23 -44.96 -4.11
C ILE B 128 -27.98 -43.45 -4.35
N ILE B 129 -27.20 -43.14 -5.38
CA ILE B 129 -27.08 -41.77 -5.84
C ILE B 129 -28.44 -41.22 -6.36
N SER B 130 -29.18 -42.03 -7.12
CA SER B 130 -30.48 -41.60 -7.62
C SER B 130 -31.43 -41.23 -6.50
N MET B 131 -31.40 -42.00 -5.42
CA MET B 131 -32.30 -41.74 -4.29
C MET B 131 -31.90 -40.46 -3.58
N ALA B 132 -30.60 -40.25 -3.42
CA ALA B 132 -30.13 -39.03 -2.78
C ALA B 132 -30.53 -37.85 -3.65
N VAL B 133 -30.36 -38.03 -4.97
CA VAL B 133 -30.76 -37.02 -5.94
C VAL B 133 -32.22 -36.66 -5.73
N ASP B 134 -33.12 -37.65 -5.76
CA ASP B 134 -34.53 -37.35 -5.46
C ASP B 134 -34.68 -36.59 -4.15
N ASP B 135 -34.05 -37.06 -3.08
CA ASP B 135 -34.20 -36.46 -1.79
C ASP B 135 -33.82 -34.99 -1.82
N LEU B 136 -32.80 -34.64 -2.57
CA LEU B 136 -32.31 -33.29 -2.63
C LEU B 136 -33.16 -32.44 -3.52
N GLU B 137 -33.76 -33.08 -4.47
CA GLU B 137 -34.50 -32.42 -5.49
C GLU B 137 -35.87 -32.15 -4.93
N ASN B 138 -36.31 -32.95 -3.98
CA ASN B 138 -37.53 -32.75 -3.24
C ASN B 138 -37.36 -31.87 -2.02
N MET B 139 -36.16 -31.38 -1.83
CA MET B 139 -35.82 -30.59 -0.68
C MET B 139 -35.78 -29.13 -0.94
N ASP B 140 -36.30 -28.36 -0.02
CA ASP B 140 -36.11 -26.93 -0.06
C ASP B 140 -35.60 -26.48 1.26
N LEU B 141 -34.39 -25.97 1.25
CA LEU B 141 -33.74 -25.54 2.45
C LEU B 141 -33.75 -24.02 2.59
N ASN B 142 -34.69 -23.38 1.90
CA ASN B 142 -34.88 -21.95 2.02
C ASN B 142 -35.89 -21.66 3.10
N PRO B 143 -35.87 -20.45 3.60
CA PRO B 143 -36.85 -20.01 4.59
C PRO B 143 -38.14 -19.54 3.98
N ARG C 30 22.06 0.57 27.48
CA ARG C 30 22.66 1.80 27.96
C ARG C 30 22.04 2.97 27.25
N ARG C 31 20.74 2.91 27.10
CA ARG C 31 20.06 3.99 26.46
C ARG C 31 19.50 4.91 27.47
N PRO C 32 19.74 6.18 27.25
CA PRO C 32 19.39 7.22 28.18
C PRO C 32 17.92 7.44 28.13
N PRO C 33 17.31 7.82 29.22
CA PRO C 33 15.92 8.18 29.20
C PRO C 33 15.75 9.46 28.46
N TRP C 34 14.80 9.48 27.60
CA TRP C 34 14.54 10.64 26.75
C TRP C 34 14.42 11.93 27.54
N PRO C 35 13.60 11.93 28.62
CA PRO C 35 13.43 13.16 29.39
C PRO C 35 14.75 13.67 30.00
N LEU C 36 15.61 12.76 30.43
CA LEU C 36 16.95 13.14 30.88
C LEU C 36 17.79 13.68 29.73
N LEU C 37 17.81 12.94 28.62
CA LEU C 37 18.52 13.37 27.41
C LEU C 37 18.08 14.78 27.03
N HIS C 38 16.77 15.02 27.05
CA HIS C 38 16.26 16.35 26.75
C HIS C 38 16.75 17.41 27.74
N GLN C 39 16.71 17.08 29.03
CA GLN C 39 17.21 18.01 30.03
CA GLN C 39 17.21 18.01 30.03
C GLN C 39 18.68 18.32 29.77
N ARG C 40 19.37 17.38 29.14
CA ARG C 40 20.78 17.56 28.85
C ARG C 40 21.05 18.54 27.72
N VAL C 41 20.21 18.51 26.68
CA VAL C 41 20.39 19.44 25.59
C VAL C 41 20.05 20.85 26.10
N VAL C 42 19.03 20.93 26.93
CA VAL C 42 18.68 22.16 27.58
C VAL C 42 19.80 22.69 28.47
N LEU C 43 20.54 21.83 29.12
CA LEU C 43 21.63 22.28 29.95
C LEU C 43 22.77 22.88 29.17
N LEU C 44 22.93 22.39 27.94
CA LEU C 44 23.86 22.92 27.00
C LEU C 44 23.43 24.31 26.66
N ARG C 45 22.13 24.40 26.46
CA ARG C 45 21.53 25.57 25.87
C ARG C 45 21.78 26.68 26.78
N GLU C 46 21.56 26.39 28.04
CA GLU C 46 21.77 27.27 29.16
C GLU C 46 23.18 27.58 29.40
N GLY C 47 24.05 26.62 29.18
CA GLY C 47 25.45 26.78 29.55
C GLY C 47 25.67 26.27 30.95
N LYS C 48 24.59 25.83 31.56
CA LYS C 48 24.62 25.07 32.78
C LYS C 48 25.09 23.71 32.36
N GLY C 49 25.79 22.99 33.22
CA GLY C 49 26.25 21.68 32.84
C GLY C 49 27.56 21.59 32.10
N ALA C 50 27.90 20.36 31.68
CA ALA C 50 29.14 20.04 31.02
C ALA C 50 29.00 20.26 29.55
N PRO C 51 29.92 21.03 28.99
CA PRO C 51 29.94 21.34 27.58
C PRO C 51 30.27 20.16 26.75
N GLU C 52 31.04 19.24 27.25
CA GLU C 52 31.46 18.10 26.48
C GLU C 52 30.28 17.23 26.18
N ASP C 53 29.20 17.46 26.88
CA ASP C 53 28.04 16.66 26.71
C ASP C 53 27.33 16.92 25.41
N ILE C 54 27.75 17.95 24.71
CA ILE C 54 27.19 18.17 23.39
C ILE C 54 27.46 17.01 22.45
N ALA C 55 28.64 16.43 22.48
CA ALA C 55 28.86 15.26 21.67
C ALA C 55 28.16 13.97 22.06
N LEU C 56 28.23 13.63 23.33
CA LEU C 56 27.70 12.38 23.82
C LEU C 56 26.23 12.41 23.68
N MET C 57 25.70 13.57 23.95
CA MET C 57 24.27 13.79 23.90
C MET C 57 23.71 13.64 22.48
N TRP C 58 24.40 14.18 21.48
CA TRP C 58 23.90 14.06 20.11
C TRP C 58 24.07 12.64 19.59
N GLU C 59 25.14 11.99 19.95
CA GLU C 59 25.37 10.64 19.55
C GLU C 59 24.39 9.68 20.11
N GLN C 60 24.01 9.84 21.35
CA GLN C 60 22.99 9.02 21.95
C GLN C 60 21.66 9.22 21.30
N THR C 61 21.32 10.44 20.92
CA THR C 61 20.09 10.74 20.24
C THR C 61 19.94 10.12 18.87
N LYS C 62 20.98 10.13 18.09
CA LYS C 62 20.89 9.56 16.80
C LYS C 62 20.66 8.09 16.89
N HIS C 63 21.37 7.45 17.77
CA HIS C 63 21.22 6.05 18.01
C HIS C 63 19.92 5.58 18.66
N TYR C 64 19.48 6.27 19.70
CA TYR C 64 18.38 5.79 20.45
C TYR C 64 17.11 6.49 20.13
N TYR C 65 17.21 7.68 19.60
CA TYR C 65 16.02 8.49 19.29
C TYR C 65 16.03 9.10 17.91
N PRO C 66 16.19 8.28 16.85
CA PRO C 66 16.39 8.69 15.46
C PRO C 66 15.16 9.34 14.84
N ALA C 67 14.00 9.13 15.47
CA ALA C 67 12.75 9.70 14.95
C ALA C 67 12.24 10.85 15.82
N ASP C 68 13.04 11.28 16.79
CA ASP C 68 12.64 12.39 17.64
C ASP C 68 12.96 13.71 16.97
N TRP C 69 12.07 14.68 17.15
CA TRP C 69 12.28 16.02 16.61
C TRP C 69 12.59 17.04 17.70
N LEU C 70 12.12 16.78 18.93
CA LEU C 70 12.25 17.76 20.01
C LEU C 70 13.72 18.05 20.37
N ILE C 71 14.48 17.00 20.60
CA ILE C 71 15.90 17.15 20.88
C ILE C 71 16.65 17.83 19.71
N PRO C 72 16.41 17.42 18.49
CA PRO C 72 17.07 18.06 17.37
C PRO C 72 16.73 19.52 17.31
N LEU C 73 15.52 19.86 17.62
CA LEU C 73 15.07 21.22 17.66
C LEU C 73 15.81 22.03 18.69
N GLU C 74 16.08 21.45 19.84
N GLU C 74 16.11 21.37 19.80
CA GLU C 74 16.74 22.16 20.89
CA GLU C 74 16.78 22.07 20.85
C GLU C 74 18.21 22.37 20.53
C GLU C 74 18.24 22.28 20.49
N LEU C 75 18.81 21.37 19.94
CA LEU C 75 20.15 21.38 19.50
C LEU C 75 20.34 22.39 18.44
N THR C 76 19.32 22.59 17.63
CA THR C 76 19.36 23.58 16.60
C THR C 76 19.53 24.95 17.22
N GLN C 77 18.89 25.19 18.35
CA GLN C 77 19.04 26.44 19.07
C GLN C 77 20.45 26.55 19.68
N VAL C 78 20.97 25.43 20.17
CA VAL C 78 22.30 25.45 20.71
C VAL C 78 23.27 25.87 19.60
N LEU C 79 23.22 25.14 18.48
CA LEU C 79 24.10 25.44 17.36
C LEU C 79 23.93 26.88 16.89
N LYS C 80 22.67 27.28 16.70
CA LYS C 80 22.34 28.62 16.21
C LYS C 80 22.97 29.76 16.98
N TYR C 81 23.08 29.64 18.31
CA TYR C 81 23.58 30.74 19.12
C TYR C 81 24.94 30.47 19.76
N SER C 82 25.68 29.50 19.22
CA SER C 82 27.00 29.18 19.74
C SER C 82 28.08 29.75 18.83
N SER C 83 29.21 30.09 19.45
CA SER C 83 30.33 30.64 18.70
C SER C 83 31.24 29.52 18.18
N GLY C 84 31.78 29.70 16.98
CA GLY C 84 32.77 28.76 16.46
C GLY C 84 33.82 28.55 17.53
N LYS C 85 34.01 29.57 18.35
CA LYS C 85 34.88 29.50 19.50
C LYS C 85 34.41 28.32 20.35
N TYR C 86 33.24 28.45 20.92
CA TYR C 86 32.73 27.42 21.75
C TYR C 86 32.55 26.19 20.91
N LEU C 87 32.06 26.36 19.71
CA LEU C 87 31.65 25.23 18.94
C LEU C 87 32.76 24.26 18.57
N GLN C 88 33.90 24.77 18.21
CA GLN C 88 34.98 23.92 17.75
C GLN C 88 35.86 23.37 18.88
N THR C 89 35.76 23.95 20.04
CA THR C 89 36.39 23.39 21.19
C THR C 89 35.73 22.05 21.43
N TYR C 90 34.40 22.01 21.50
CA TYR C 90 33.73 20.80 21.97
C TYR C 90 33.16 19.88 20.88
N VAL C 91 32.96 20.41 19.66
CA VAL C 91 32.51 19.55 18.56
C VAL C 91 33.60 19.41 17.50
N ALA C 92 34.03 18.17 17.24
CA ALA C 92 35.14 17.95 16.30
C ALA C 92 34.85 18.50 14.92
N ASP C 93 33.65 18.23 14.42
CA ASP C 93 33.20 18.77 13.12
C ASP C 93 31.82 19.41 13.27
N PRO C 94 31.79 20.66 13.74
CA PRO C 94 30.53 21.33 13.99
C PRO C 94 29.61 21.27 12.76
N ASP C 95 30.13 21.63 11.60
CA ASP C 95 29.27 21.73 10.43
C ASP C 95 28.65 20.39 10.05
N GLU C 96 29.43 19.33 10.20
CA GLU C 96 28.91 17.99 9.97
C GLU C 96 27.79 17.65 10.97
N MET C 97 27.94 18.09 12.21
CA MET C 97 26.90 17.85 13.22
C MET C 97 25.62 18.56 12.80
N ARG C 98 25.77 19.83 12.47
CA ARG C 98 24.68 20.62 11.94
C ARG C 98 23.92 19.89 10.82
N LYS C 99 24.63 19.19 9.98
CA LYS C 99 23.99 18.54 8.87
C LYS C 99 23.31 17.26 9.26
N GLU C 100 23.84 16.57 10.26
CA GLU C 100 23.18 15.40 10.81
C GLU C 100 21.84 15.81 11.42
N VAL C 101 21.82 16.93 12.13
CA VAL C 101 20.60 17.42 12.75
C VAL C 101 19.54 17.67 11.67
N LEU C 102 19.95 18.39 10.64
CA LEU C 102 19.11 18.65 9.47
C LEU C 102 18.52 17.34 8.92
N MET C 103 19.35 16.38 8.64
CA MET C 103 18.90 15.11 8.15
C MET C 103 17.91 14.44 9.02
N GLN C 104 18.14 14.36 10.31
CA GLN C 104 17.22 13.67 11.19
C GLN C 104 15.88 14.33 11.17
N LEU C 105 15.85 15.64 11.13
CA LEU C 105 14.65 16.42 11.07
C LEU C 105 13.90 16.23 9.79
N LEU C 106 14.63 16.15 8.70
CA LEU C 106 14.05 15.84 7.43
C LEU C 106 13.50 14.44 7.41
N ASN C 107 14.17 13.49 8.02
CA ASN C 107 13.66 12.15 8.07
C ASN C 107 12.37 12.12 8.81
N VAL C 108 12.30 12.86 9.88
CA VAL C 108 11.10 13.03 10.67
C VAL C 108 9.96 13.76 9.97
N LYS C 109 10.27 14.82 9.26
CA LYS C 109 9.26 15.54 8.52
C LYS C 109 8.52 14.64 7.50
N TYR C 110 9.27 13.74 6.87
CA TYR C 110 8.72 13.01 5.74
C TYR C 110 8.49 11.53 6.03
N GLY C 111 8.35 11.20 7.31
CA GLY C 111 8.14 9.82 7.71
C GLY C 111 9.19 8.84 7.20
N ARG C 112 10.41 9.31 6.96
CA ARG C 112 11.49 8.47 6.48
C ARG C 112 11.94 7.49 7.56
N VAL C 113 12.06 7.98 8.79
CA VAL C 113 12.48 7.15 9.91
C VAL C 113 11.27 6.55 10.65
N SER C 114 11.43 5.33 11.13
CA SER C 114 10.36 4.65 11.84
C SER C 114 10.77 4.34 13.28
N ASP C 115 10.66 5.35 14.15
CA ASP C 115 11.01 5.18 15.56
C ASP C 115 9.81 5.43 16.45
N PRO C 116 9.78 4.77 17.60
CA PRO C 116 8.67 4.91 18.56
C PRO C 116 9.08 5.77 19.75
N ASN C 117 10.29 6.30 19.73
CA ASN C 117 10.79 7.13 20.80
C ASN C 117 10.90 8.60 20.42
N GLY C 118 10.35 9.48 21.23
CA GLY C 118 10.36 10.88 20.92
C GLY C 118 8.99 11.46 20.83
N GLY C 119 8.87 12.70 20.40
CA GLY C 119 7.66 13.49 20.58
C GLY C 119 6.38 13.34 19.76
N ARG C 120 6.49 12.64 18.64
CA ARG C 120 5.38 12.44 17.72
C ARG C 120 5.03 13.65 16.93
N VAL C 121 4.74 13.47 15.67
CA VAL C 121 4.57 14.59 14.78
C VAL C 121 3.16 14.75 14.35
N ASN C 122 2.84 15.94 13.88
CA ASN C 122 1.57 16.25 13.30
C ASN C 122 1.79 17.44 12.41
N LYS C 123 0.74 18.11 12.01
CA LYS C 123 0.89 19.25 11.15
C LYS C 123 1.51 20.48 11.79
N ASP C 124 1.22 20.70 13.07
CA ASP C 124 1.81 21.78 13.85
C ASP C 124 3.29 21.56 14.10
N VAL C 125 3.64 20.31 14.46
CA VAL C 125 5.01 19.96 14.72
C VAL C 125 5.82 20.08 13.43
N GLU C 126 5.21 19.70 12.31
CA GLU C 126 5.87 19.77 11.02
C GLU C 126 6.29 21.19 10.66
N GLU C 127 5.44 22.16 10.95
CA GLU C 127 5.75 23.54 10.64
C GLU C 127 7.00 24.04 11.40
N ILE C 128 7.11 23.70 12.69
CA ILE C 128 8.29 24.15 13.45
C ILE C 128 9.54 23.33 13.10
N ILE C 129 9.34 22.11 12.66
CA ILE C 129 10.44 21.34 12.06
C ILE C 129 10.98 22.06 10.81
N SER C 130 10.08 22.53 9.95
CA SER C 130 10.48 23.29 8.76
C SER C 130 11.29 24.52 9.15
N MET C 131 10.75 25.29 10.08
CA MET C 131 11.44 26.47 10.61
C MET C 131 12.85 26.15 11.04
N ALA C 132 13.00 25.07 11.80
CA ALA C 132 14.30 24.63 12.28
C ALA C 132 15.19 24.20 11.11
N VAL C 133 14.58 23.56 10.12
CA VAL C 133 15.33 23.09 8.95
C VAL C 133 15.89 24.30 8.22
N ASP C 134 15.06 25.33 8.09
CA ASP C 134 15.47 26.57 7.47
C ASP C 134 16.64 27.17 8.23
N ASP C 135 16.49 27.35 9.55
CA ASP C 135 17.59 27.81 10.40
C ASP C 135 18.89 27.07 10.08
N LEU C 136 18.80 25.76 9.96
CA LEU C 136 19.98 24.94 9.83
C LEU C 136 20.62 25.13 8.46
N GLU C 137 19.82 25.04 7.41
CA GLU C 137 20.27 25.17 6.05
C GLU C 137 21.07 26.40 5.84
N ASN C 138 20.96 27.31 6.78
CA ASN C 138 21.48 28.62 6.61
C ASN C 138 22.47 29.06 7.68
N MET C 139 23.08 28.12 8.38
CA MET C 139 24.32 28.30 9.10
C MET C 139 25.22 27.52 8.18
N ASP C 140 26.49 27.31 8.44
CA ASP C 140 27.42 28.18 9.07
C ASP C 140 28.51 27.34 9.69
N LEU C 141 28.99 27.75 10.86
CA LEU C 141 29.87 26.92 11.69
C LEU C 141 31.25 26.54 11.15
N ASN C 142 32.06 27.53 10.79
CA ASN C 142 33.39 27.25 10.34
C ASN C 142 33.29 26.42 9.09
N ARG D 30 -38.27 -60.04 -3.00
CA ARG D 30 -37.87 -60.31 -1.61
C ARG D 30 -36.60 -59.56 -1.18
N ARG D 31 -35.56 -59.59 -2.01
CA ARG D 31 -34.36 -58.81 -1.76
C ARG D 31 -34.73 -57.33 -1.59
N PRO D 32 -34.32 -56.72 -0.48
CA PRO D 32 -34.66 -55.30 -0.33
C PRO D 32 -33.77 -54.43 -1.21
N PRO D 33 -34.35 -53.41 -1.87
CA PRO D 33 -33.52 -52.51 -2.66
C PRO D 33 -32.47 -51.88 -1.76
N TRP D 34 -31.22 -51.88 -2.16
CA TRP D 34 -30.12 -51.50 -1.31
C TRP D 34 -30.25 -50.09 -0.77
N PRO D 35 -30.71 -49.19 -1.59
CA PRO D 35 -30.87 -47.82 -1.18
C PRO D 35 -31.87 -47.71 -0.07
N LEU D 36 -32.92 -48.47 -0.21
CA LEU D 36 -33.94 -48.56 0.79
C LEU D 36 -33.52 -49.20 2.09
N LEU D 37 -32.73 -50.25 2.01
CA LEU D 37 -32.15 -50.87 3.16
C LEU D 37 -31.19 -49.92 3.85
N HIS D 38 -30.43 -49.17 3.08
CA HIS D 38 -29.55 -48.18 3.64
C HIS D 38 -30.33 -47.12 4.33
N GLN D 39 -31.39 -46.67 3.72
CA GLN D 39 -32.22 -45.64 4.31
C GLN D 39 -32.84 -46.07 5.65
N ARG D 40 -33.28 -47.32 5.72
CA ARG D 40 -33.87 -47.85 6.95
C ARG D 40 -32.83 -47.85 8.08
N VAL D 41 -31.59 -48.22 7.75
CA VAL D 41 -30.52 -48.19 8.73
C VAL D 41 -30.22 -46.75 9.13
N VAL D 42 -30.17 -45.85 8.16
CA VAL D 42 -29.97 -44.43 8.46
C VAL D 42 -31.05 -43.91 9.40
N LEU D 43 -32.29 -44.29 9.10
CA LEU D 43 -33.43 -43.88 9.91
C LEU D 43 -33.31 -44.29 11.39
N LEU D 44 -32.45 -45.27 11.68
CA LEU D 44 -32.33 -45.77 13.06
C LEU D 44 -31.91 -44.69 14.06
N ARG D 45 -31.08 -43.77 13.63
CA ARG D 45 -30.64 -42.69 14.46
C ARG D 45 -31.53 -41.47 14.35
N GLU D 46 -32.31 -41.40 13.29
CA GLU D 46 -33.09 -40.23 12.95
C GLU D 46 -34.57 -40.46 13.23
N GLY D 47 -34.88 -41.65 13.72
CA GLY D 47 -36.24 -41.99 14.09
C GLY D 47 -36.72 -41.12 15.24
N LYS D 48 -37.90 -41.43 15.77
CA LYS D 48 -38.48 -40.64 16.86
C LYS D 48 -38.70 -41.44 18.14
N GLY D 49 -38.98 -42.73 17.98
CA GLY D 49 -39.18 -43.61 19.12
C GLY D 49 -38.44 -44.93 18.98
N ALA D 50 -39.23 -45.99 18.99
CA ALA D 50 -38.74 -47.34 18.79
C ALA D 50 -38.36 -47.60 17.35
N PRO D 51 -37.24 -48.27 17.18
CA PRO D 51 -36.71 -48.67 15.90
C PRO D 51 -37.43 -49.84 15.32
N GLU D 52 -37.44 -49.92 14.02
CA GLU D 52 -37.96 -51.06 13.32
C GLU D 52 -36.95 -52.18 13.51
N ASP D 53 -37.31 -53.40 13.24
CA ASP D 53 -36.46 -54.47 13.67
C ASP D 53 -35.11 -54.21 13.07
N ILE D 54 -34.13 -54.01 13.93
CA ILE D 54 -32.72 -53.89 13.59
C ILE D 54 -32.12 -55.17 13.11
N ALA D 55 -32.51 -56.26 13.71
CA ALA D 55 -31.99 -57.55 13.40
C ALA D 55 -32.37 -57.94 12.03
N LEU D 56 -33.57 -57.58 11.62
CA LEU D 56 -34.03 -57.86 10.27
C LEU D 56 -33.09 -57.18 9.28
N MET D 57 -32.85 -55.88 9.50
CA MET D 57 -32.06 -55.11 8.55
C MET D 57 -30.68 -55.72 8.42
N TRP D 58 -30.10 -56.08 9.55
CA TRP D 58 -28.74 -56.55 9.57
C TRP D 58 -28.70 -57.92 8.92
N GLU D 59 -29.64 -58.75 9.28
CA GLU D 59 -29.82 -60.04 8.71
C GLU D 59 -29.98 -59.96 7.18
N GLN D 60 -30.77 -59.02 6.71
CA GLN D 60 -30.93 -58.78 5.28
C GLN D 60 -29.68 -58.30 4.60
N THR D 61 -28.84 -57.55 5.29
CA THR D 61 -27.61 -57.13 4.69
C THR D 61 -26.60 -58.24 4.63
N LYS D 62 -26.56 -59.08 5.63
CA LYS D 62 -25.70 -60.22 5.60
C LYS D 62 -26.05 -61.18 4.47
N HIS D 63 -27.32 -61.36 4.21
CA HIS D 63 -27.79 -62.31 3.25
C HIS D 63 -27.64 -61.75 1.87
N TYR D 64 -28.30 -60.65 1.64
CA TYR D 64 -28.34 -60.01 0.36
C TYR D 64 -27.17 -59.14 0.01
N TYR D 65 -26.46 -58.61 0.97
CA TYR D 65 -25.31 -57.74 0.68
C TYR D 65 -24.04 -58.11 1.45
N PRO D 66 -23.63 -59.38 1.36
CA PRO D 66 -22.51 -59.94 2.13
C PRO D 66 -21.22 -59.17 1.92
N ALA D 67 -21.12 -58.47 0.79
CA ALA D 67 -19.86 -57.83 0.45
C ALA D 67 -19.92 -56.32 0.61
N ASP D 68 -21.07 -55.78 1.01
CA ASP D 68 -21.22 -54.35 1.20
C ASP D 68 -20.43 -53.89 2.42
N TRP D 69 -19.83 -52.71 2.31
CA TRP D 69 -19.18 -52.04 3.44
C TRP D 69 -20.00 -50.87 3.96
N LEU D 70 -20.85 -50.31 3.09
CA LEU D 70 -21.58 -49.08 3.43
C LEU D 70 -22.63 -49.23 4.54
N ILE D 71 -23.50 -50.22 4.42
CA ILE D 71 -24.49 -50.42 5.46
C ILE D 71 -23.85 -50.80 6.80
N PRO D 72 -22.84 -51.69 6.77
CA PRO D 72 -21.97 -51.95 7.93
C PRO D 72 -21.39 -50.67 8.57
N LEU D 73 -20.82 -49.78 7.77
CA LEU D 73 -20.36 -48.50 8.33
C LEU D 73 -21.44 -47.71 9.08
N GLU D 74 -22.65 -47.64 8.52
CA GLU D 74 -23.76 -46.91 9.13
C GLU D 74 -24.18 -47.59 10.42
N LEU D 75 -24.22 -48.91 10.39
CA LEU D 75 -24.64 -49.69 11.53
C LEU D 75 -23.63 -49.47 12.63
N THR D 76 -22.37 -49.28 12.24
CA THR D 76 -21.30 -49.01 13.19
C THR D 76 -21.59 -47.72 13.94
N GLN D 77 -22.03 -46.68 13.22
CA GLN D 77 -22.43 -45.43 13.87
C GLN D 77 -23.56 -45.67 14.84
N VAL D 78 -24.56 -46.46 14.41
CA VAL D 78 -25.68 -46.77 15.28
C VAL D 78 -25.17 -47.41 16.58
N LEU D 79 -24.27 -48.37 16.44
CA LEU D 79 -23.72 -49.07 17.59
C LEU D 79 -22.87 -48.12 18.42
N LYS D 80 -22.10 -47.28 17.74
CA LYS D 80 -21.17 -46.39 18.41
C LYS D 80 -21.88 -45.39 19.35
N TYR D 81 -23.05 -44.92 18.95
CA TYR D 81 -23.68 -43.79 19.62
C TYR D 81 -25.01 -44.09 20.31
N SER D 82 -25.51 -45.31 20.17
CA SER D 82 -26.66 -45.72 20.97
C SER D 82 -26.19 -46.16 22.35
N SER D 83 -27.04 -45.97 23.35
CA SER D 83 -26.70 -46.40 24.71
C SER D 83 -26.75 -47.91 24.83
N GLY D 84 -26.02 -48.46 25.80
CA GLY D 84 -26.15 -49.88 26.09
C GLY D 84 -27.60 -50.28 26.30
N LYS D 85 -28.32 -49.54 27.13
CA LYS D 85 -29.70 -49.89 27.45
C LYS D 85 -30.57 -49.94 26.20
N TYR D 86 -30.50 -48.87 25.40
CA TYR D 86 -31.24 -48.79 24.14
C TYR D 86 -30.94 -50.01 23.25
N LEU D 87 -29.65 -50.27 23.03
CA LEU D 87 -29.20 -51.37 22.19
C LEU D 87 -29.69 -52.72 22.68
N GLN D 88 -29.57 -52.95 23.98
CA GLN D 88 -29.93 -54.22 24.60
C GLN D 88 -31.46 -54.40 24.61
N THR D 89 -32.18 -53.28 24.60
CA THR D 89 -33.64 -53.31 24.53
C THR D 89 -34.12 -53.78 23.16
N TYR D 90 -33.37 -53.47 22.11
CA TYR D 90 -33.86 -53.71 20.76
C TYR D 90 -32.99 -54.68 19.96
N VAL D 91 -31.91 -55.14 20.58
CA VAL D 91 -31.12 -56.20 19.97
C VAL D 91 -30.81 -57.27 21.00
N ALA D 92 -31.37 -58.46 20.79
CA ALA D 92 -31.18 -59.58 21.71
C ALA D 92 -29.72 -59.66 22.17
N ASP D 93 -28.79 -59.67 21.23
CA ASP D 93 -27.38 -59.82 21.58
C ASP D 93 -26.54 -58.76 20.85
N PRO D 94 -26.50 -57.57 21.42
CA PRO D 94 -25.80 -56.46 20.75
C PRO D 94 -24.35 -56.79 20.41
N ASP D 95 -23.69 -57.51 21.29
CA ASP D 95 -22.27 -57.71 21.12
C ASP D 95 -21.96 -58.69 19.98
N GLU D 96 -22.87 -59.64 19.78
N GLU D 96 -22.87 -59.59 19.74
CA GLU D 96 -22.74 -60.57 18.68
CA GLU D 96 -22.73 -60.51 18.69
C GLU D 96 -22.94 -59.85 17.34
C GLU D 96 -22.97 -59.85 17.37
N MET D 97 -23.93 -58.96 17.31
CA MET D 97 -24.14 -58.14 16.12
C MET D 97 -22.88 -57.35 15.81
N ARG D 98 -22.31 -56.74 16.82
CA ARG D 98 -21.10 -55.97 16.68
C ARG D 98 -19.98 -56.84 16.07
N LYS D 99 -19.82 -58.06 16.56
CA LYS D 99 -18.79 -58.94 16.03
C LYS D 99 -19.08 -59.38 14.61
N GLU D 100 -20.36 -59.58 14.28
CA GLU D 100 -20.74 -59.97 12.94
C GLU D 100 -20.46 -58.85 11.93
N VAL D 101 -20.79 -57.63 12.33
CA VAL D 101 -20.56 -56.46 11.50
C VAL D 101 -19.06 -56.32 11.27
N LEU D 102 -18.31 -56.47 12.36
CA LEU D 102 -16.85 -56.44 12.31
C LEU D 102 -16.30 -57.44 11.28
N MET D 103 -16.79 -58.67 11.41
CA MET D 103 -16.42 -59.78 10.55
C MET D 103 -16.66 -59.46 9.07
N GLN D 104 -17.81 -58.89 8.74
CA GLN D 104 -18.13 -58.64 7.35
C GLN D 104 -17.12 -57.65 6.80
N LEU D 105 -16.85 -56.59 7.56
CA LEU D 105 -15.88 -55.58 7.22
C LEU D 105 -14.44 -56.09 7.05
N LEU D 106 -14.05 -57.01 7.92
CA LEU D 106 -12.76 -57.66 7.78
C LEU D 106 -12.72 -58.42 6.46
N ASN D 107 -13.82 -59.11 6.17
CA ASN D 107 -13.97 -59.84 4.91
C ASN D 107 -13.93 -58.96 3.68
N VAL D 108 -14.60 -57.81 3.76
CA VAL D 108 -14.70 -56.90 2.62
C VAL D 108 -13.38 -56.15 2.41
N LYS D 109 -12.68 -55.84 3.49
CA LYS D 109 -11.38 -55.19 3.38
C LYS D 109 -10.38 -56.02 2.56
N TYR D 110 -10.51 -57.33 2.59
CA TYR D 110 -9.53 -58.20 1.94
C TYR D 110 -10.08 -58.96 0.73
N GLY D 111 -11.19 -58.48 0.21
CA GLY D 111 -11.78 -59.07 -0.99
C GLY D 111 -12.16 -60.52 -0.83
N ARG D 112 -12.54 -60.92 0.38
CA ARG D 112 -12.90 -62.31 0.63
C ARG D 112 -14.24 -62.70 0.01
N VAL D 113 -15.17 -61.76 -0.07
CA VAL D 113 -16.48 -62.09 -0.60
C VAL D 113 -16.73 -61.44 -1.95
N SER D 114 -16.80 -62.27 -2.99
CA SER D 114 -17.00 -61.79 -4.36
C SER D 114 -18.49 -61.77 -4.67
N ASP D 115 -19.07 -60.58 -4.60
CA ASP D 115 -20.51 -60.40 -4.70
C ASP D 115 -20.75 -59.01 -5.25
N PRO D 116 -21.68 -58.88 -6.21
CA PRO D 116 -21.82 -57.68 -7.04
C PRO D 116 -22.53 -56.54 -6.33
N ASN D 117 -23.23 -56.84 -5.25
CA ASN D 117 -24.07 -55.86 -4.58
C ASN D 117 -23.36 -54.96 -3.57
N GLY D 118 -23.98 -53.82 -3.26
CA GLY D 118 -23.38 -52.83 -2.39
C GLY D 118 -22.17 -52.16 -3.00
N GLY D 119 -21.53 -51.27 -2.25
CA GLY D 119 -20.43 -50.49 -2.77
C GLY D 119 -19.24 -51.33 -3.16
N ARG D 120 -18.24 -50.69 -3.76
CA ARG D 120 -17.00 -51.37 -4.10
C ARG D 120 -15.90 -50.74 -3.28
N VAL D 121 -14.69 -51.31 -3.32
CA VAL D 121 -13.63 -50.74 -2.51
C VAL D 121 -12.37 -50.47 -3.30
N ASN D 122 -11.63 -49.47 -2.85
CA ASN D 122 -10.34 -49.07 -3.37
C ASN D 122 -9.57 -48.63 -2.14
N LYS D 123 -8.36 -48.11 -2.33
CA LYS D 123 -7.55 -47.67 -1.19
C LYS D 123 -8.29 -46.77 -0.19
N ASP D 124 -9.00 -45.77 -0.68
CA ASP D 124 -9.75 -44.86 0.20
C ASP D 124 -10.82 -45.57 1.05
N VAL D 125 -11.68 -46.33 0.39
CA VAL D 125 -12.69 -47.10 1.09
C VAL D 125 -12.05 -48.03 2.11
N GLU D 126 -10.89 -48.56 1.77
CA GLU D 126 -10.24 -49.49 2.66
C GLU D 126 -9.83 -48.78 3.94
N GLU D 127 -9.42 -47.53 3.80
CA GLU D 127 -9.02 -46.73 4.95
C GLU D 127 -10.23 -46.48 5.88
N ILE D 128 -11.39 -46.14 5.32
CA ILE D 128 -12.54 -45.90 6.19
C ILE D 128 -13.11 -47.20 6.76
N ILE D 129 -12.97 -48.30 6.01
CA ILE D 129 -13.32 -49.60 6.55
C ILE D 129 -12.49 -49.91 7.80
N SER D 130 -11.17 -49.69 7.69
CA SER D 130 -10.27 -49.91 8.80
C SER D 130 -10.67 -49.07 10.01
N MET D 131 -11.03 -47.81 9.78
CA MET D 131 -11.46 -46.94 10.87
C MET D 131 -12.64 -47.57 11.64
N ALA D 132 -13.60 -48.10 10.90
CA ALA D 132 -14.78 -48.69 11.53
C ALA D 132 -14.37 -49.97 12.24
N VAL D 133 -13.44 -50.71 11.66
CA VAL D 133 -12.95 -51.93 12.25
C VAL D 133 -12.36 -51.63 13.61
N ASP D 134 -11.51 -50.60 13.65
CA ASP D 134 -10.91 -50.14 14.90
C ASP D 134 -12.02 -49.80 15.89
N ASP D 135 -12.95 -48.95 15.47
CA ASP D 135 -14.08 -48.57 16.30
C ASP D 135 -14.74 -49.79 16.91
N LEU D 136 -15.04 -50.78 16.09
CA LEU D 136 -15.80 -51.93 16.52
C LEU D 136 -15.04 -52.84 17.49
N GLU D 137 -13.74 -53.01 17.26
CA GLU D 137 -12.95 -53.94 18.05
C GLU D 137 -12.88 -53.51 19.52
N ASN D 138 -12.96 -52.20 19.71
CA ASN D 138 -12.80 -51.59 20.99
C ASN D 138 -14.04 -50.86 21.39
N MET D 139 -15.18 -51.40 21.01
CA MET D 139 -16.46 -50.84 21.37
C MET D 139 -16.92 -51.52 22.62
N ASP D 140 -17.30 -50.78 23.63
CA ASP D 140 -17.87 -51.40 24.78
C ASP D 140 -19.35 -51.16 24.82
N LEU D 141 -20.13 -52.20 24.63
CA LEU D 141 -21.57 -52.06 24.55
C LEU D 141 -22.31 -52.25 25.86
N ASN D 142 -21.63 -52.68 26.90
CA ASN D 142 -22.30 -52.97 28.15
C ASN D 142 -23.00 -51.68 28.54
N PRO D 143 -24.25 -51.76 28.98
CA PRO D 143 -24.99 -52.98 29.32
C PRO D 143 -24.94 -54.13 28.33
N PRO E 29 5.04 48.75 -30.15
CA PRO E 29 4.31 48.04 -29.09
C PRO E 29 4.86 48.31 -27.68
N ARG E 30 3.96 48.33 -26.71
CA ARG E 30 4.31 48.37 -25.30
C ARG E 30 4.24 46.94 -24.76
N ARG E 31 4.58 45.99 -25.62
CA ARG E 31 4.59 44.58 -25.28
C ARG E 31 5.87 44.24 -24.51
N PRO E 32 5.73 43.93 -23.22
CA PRO E 32 6.92 43.65 -22.41
C PRO E 32 7.64 42.42 -22.98
N PRO E 33 8.97 42.52 -23.17
CA PRO E 33 9.70 41.35 -23.66
C PRO E 33 9.48 40.16 -22.72
N TRP E 34 9.24 39.00 -23.30
CA TRP E 34 8.92 37.78 -22.60
C TRP E 34 9.86 37.42 -21.48
N PRO E 35 11.16 37.50 -21.76
CA PRO E 35 12.18 37.21 -20.75
C PRO E 35 12.05 38.17 -19.56
N LEU E 36 11.79 39.44 -19.84
CA LEU E 36 11.61 40.43 -18.80
C LEU E 36 10.32 40.17 -18.02
N LEU E 37 9.26 39.87 -18.76
CA LEU E 37 7.96 39.56 -18.14
C LEU E 37 8.08 38.32 -17.26
N HIS E 38 8.73 37.30 -17.78
CA HIS E 38 8.95 36.07 -17.03
C HIS E 38 9.80 36.34 -15.80
N GLN E 39 10.84 37.15 -15.98
CA GLN E 39 11.72 37.52 -14.88
C GLN E 39 10.95 38.29 -13.82
N ARG E 40 10.06 39.17 -14.27
CA ARG E 40 9.29 39.97 -13.32
C ARG E 40 8.42 39.06 -12.47
N VAL E 41 7.78 38.08 -13.11
CA VAL E 41 6.97 37.11 -12.38
C VAL E 41 7.81 36.30 -11.37
N VAL E 42 8.98 35.85 -11.77
CA VAL E 42 9.85 35.12 -10.87
C VAL E 42 10.26 35.95 -9.68
N LEU E 43 10.67 37.17 -9.94
CA LEU E 43 11.06 38.13 -8.94
C LEU E 43 9.96 38.33 -7.93
N LEU E 44 8.75 38.40 -8.41
CA LEU E 44 7.63 38.70 -7.54
C LEU E 44 7.33 37.53 -6.65
N ARG E 45 7.55 36.34 -7.15
CA ARG E 45 7.40 35.16 -6.33
C ARG E 45 8.55 35.04 -5.35
N GLU E 46 9.72 35.52 -5.73
CA GLU E 46 10.86 35.44 -4.89
C GLU E 46 10.92 36.60 -3.93
N GLY E 47 9.86 37.37 -3.88
CA GLY E 47 9.72 38.44 -2.90
C GLY E 47 10.50 39.68 -3.24
N LYS E 48 11.02 39.72 -4.47
CA LYS E 48 11.67 40.91 -4.99
C LYS E 48 10.62 41.75 -5.71
N GLY E 49 11.01 42.91 -6.22
CA GLY E 49 10.10 43.77 -6.96
C GLY E 49 8.86 44.12 -6.16
N ALA E 50 7.78 44.49 -6.85
CA ALA E 50 6.57 44.94 -6.17
C ALA E 50 5.43 43.93 -6.30
N PRO E 51 4.91 43.47 -5.16
CA PRO E 51 3.81 42.47 -5.21
C PRO E 51 2.69 42.96 -6.12
N GLU E 52 2.14 44.12 -5.80
CA GLU E 52 1.02 44.71 -6.53
C GLU E 52 1.04 44.49 -8.05
N ASP E 53 2.24 44.46 -8.63
CA ASP E 53 2.41 44.33 -10.08
C ASP E 53 1.74 43.06 -10.61
N ILE E 54 1.45 42.15 -9.69
CA ILE E 54 0.86 40.84 -10.00
C ILE E 54 -0.26 40.92 -11.06
N ALA E 55 -1.28 41.73 -10.79
CA ALA E 55 -2.40 41.87 -11.71
C ALA E 55 -1.92 42.37 -13.07
N LEU E 56 -1.02 43.36 -13.02
CA LEU E 56 -0.48 43.97 -14.23
C LEU E 56 0.25 42.92 -15.05
N MET E 57 1.10 42.14 -14.39
CA MET E 57 1.84 41.06 -15.04
C MET E 57 0.90 40.06 -15.72
N TRP E 58 -0.04 39.51 -14.96
CA TRP E 58 -0.98 38.53 -15.51
C TRP E 58 -1.75 39.14 -16.67
N GLU E 59 -2.24 40.34 -16.46
CA GLU E 59 -2.90 41.12 -17.48
C GLU E 59 -2.12 41.05 -18.75
N GLN E 60 -0.89 41.46 -18.68
CA GLN E 60 -0.01 41.50 -19.80
C GLN E 60 0.31 40.18 -20.45
N THR E 61 0.31 39.09 -19.70
CA THR E 61 0.59 37.81 -20.33
C THR E 61 -0.61 37.25 -21.10
N LYS E 62 -1.78 37.48 -20.55
CA LYS E 62 -3.03 37.27 -21.24
C LYS E 62 -3.12 38.04 -22.53
N HIS E 63 -2.86 39.32 -22.46
CA HIS E 63 -2.97 40.16 -23.65
C HIS E 63 -1.90 39.87 -24.71
N TYR E 64 -0.65 39.79 -24.31
CA TYR E 64 0.44 39.67 -25.28
C TYR E 64 0.99 38.25 -25.43
N TYR E 65 0.62 37.34 -24.55
CA TYR E 65 1.14 35.99 -24.65
C TYR E 65 0.08 34.93 -24.41
N PRO E 66 -1.05 35.04 -25.12
CA PRO E 66 -2.21 34.15 -24.95
C PRO E 66 -1.82 32.66 -25.02
N ALA E 67 -0.68 32.36 -25.62
CA ALA E 67 -0.29 30.97 -25.89
C ALA E 67 0.87 30.45 -25.04
N ASP E 68 1.40 31.27 -24.14
CA ASP E 68 2.53 30.85 -23.34
C ASP E 68 2.07 30.01 -22.17
N TRP E 69 2.85 28.99 -21.82
CA TRP E 69 2.55 28.17 -20.64
C TRP E 69 3.55 28.48 -19.55
N LEU E 70 4.72 28.94 -19.95
CA LEU E 70 5.81 29.15 -19.01
C LEU E 70 5.39 30.05 -17.88
N ILE E 71 4.85 31.22 -18.23
CA ILE E 71 4.44 32.19 -17.24
C ILE E 71 3.27 31.66 -16.40
N PRO E 72 2.24 31.10 -17.04
CA PRO E 72 1.17 30.50 -16.26
C PRO E 72 1.66 29.48 -15.21
N LEU E 73 2.63 28.65 -15.57
CA LEU E 73 3.22 27.71 -14.60
C LEU E 73 3.87 28.41 -13.41
N GLU E 74 4.61 29.48 -13.65
CA GLU E 74 5.25 30.16 -12.54
C GLU E 74 4.20 30.77 -11.64
N LEU E 75 3.15 31.29 -12.27
CA LEU E 75 2.05 31.95 -11.58
C LEU E 75 1.31 30.97 -10.69
N THR E 76 1.15 29.75 -11.20
CA THR E 76 0.49 28.70 -10.44
C THR E 76 1.23 28.43 -9.15
N GLN E 77 2.56 28.51 -9.20
CA GLN E 77 3.36 28.34 -7.99
C GLN E 77 3.11 29.49 -7.01
N VAL E 78 2.99 30.70 -7.52
CA VAL E 78 2.69 31.83 -6.66
C VAL E 78 1.38 31.55 -5.94
N LEU E 79 0.35 31.25 -6.72
CA LEU E 79 -0.95 30.94 -6.18
C LEU E 79 -0.83 29.78 -5.19
N LYS E 80 -0.21 28.70 -5.64
CA LYS E 80 -0.11 27.48 -4.86
C LYS E 80 0.47 27.72 -3.47
N TYR E 81 1.47 28.56 -3.37
CA TYR E 81 2.17 28.65 -2.11
C TYR E 81 2.08 29.98 -1.41
N SER E 82 1.22 30.87 -1.91
CA SER E 82 1.01 32.14 -1.26
C SER E 82 -0.09 31.98 -0.24
N SER E 83 -0.09 32.84 0.74
CA SER E 83 -1.05 32.72 1.82
C SER E 83 -2.28 33.49 1.47
N GLY E 84 -3.43 33.01 1.94
CA GLY E 84 -4.65 33.75 1.75
C GLY E 84 -4.46 35.19 2.15
N LYS E 85 -3.78 35.38 3.25
CA LYS E 85 -3.34 36.69 3.66
C LYS E 85 -2.77 37.45 2.48
N TYR E 86 -1.61 37.01 2.01
CA TYR E 86 -0.86 37.70 0.97
C TYR E 86 -1.68 37.87 -0.25
N LEU E 87 -2.42 36.84 -0.53
CA LEU E 87 -3.16 36.75 -1.78
C LEU E 87 -4.22 37.85 -1.85
N GLN E 88 -4.96 38.01 -0.76
CA GLN E 88 -6.03 38.99 -0.73
C GLN E 88 -5.50 40.41 -0.83
N THR E 89 -4.47 40.68 -0.06
CA THR E 89 -3.84 41.97 -0.06
C THR E 89 -3.53 42.45 -1.46
N TYR E 90 -2.79 41.63 -2.20
CA TYR E 90 -2.26 42.01 -3.49
C TYR E 90 -3.01 41.55 -4.73
N VAL E 91 -4.00 40.71 -4.58
CA VAL E 91 -4.78 40.34 -5.74
C VAL E 91 -6.27 40.53 -5.55
N ALA E 92 -6.87 41.37 -6.37
CA ALA E 92 -8.29 41.49 -6.24
C ALA E 92 -8.83 40.25 -6.90
N ASP E 93 -9.73 39.57 -6.21
CA ASP E 93 -10.26 38.31 -6.71
C ASP E 93 -9.24 37.25 -7.04
N PRO E 94 -8.66 36.67 -6.03
CA PRO E 94 -7.61 35.72 -6.30
C PRO E 94 -8.15 34.59 -7.13
N ASP E 95 -9.29 34.08 -6.73
CA ASP E 95 -9.84 32.91 -7.36
C ASP E 95 -10.29 33.02 -8.79
N GLU E 96 -10.68 34.20 -9.21
CA GLU E 96 -10.88 34.44 -10.62
C GLU E 96 -9.56 34.37 -11.37
N MET E 97 -8.48 34.84 -10.77
CA MET E 97 -7.21 34.79 -11.47
C MET E 97 -6.85 33.35 -11.79
N ARG E 98 -6.84 32.53 -10.75
CA ARG E 98 -6.76 31.09 -10.84
C ARG E 98 -7.51 30.51 -12.02
N LYS E 99 -8.79 30.83 -12.14
CA LYS E 99 -9.60 30.31 -13.21
C LYS E 99 -9.12 30.75 -14.57
N GLU E 100 -8.48 31.91 -14.60
CA GLU E 100 -8.01 32.49 -15.85
C GLU E 100 -6.68 31.89 -16.23
N VAL E 101 -5.90 31.57 -15.23
CA VAL E 101 -4.62 30.93 -15.46
C VAL E 101 -4.92 29.52 -15.92
N LEU E 102 -5.85 28.88 -15.23
CA LEU E 102 -6.23 27.53 -15.56
C LEU E 102 -6.78 27.47 -16.92
N MET E 103 -7.34 28.55 -17.39
CA MET E 103 -7.97 28.53 -18.68
C MET E 103 -7.04 28.86 -19.77
N GLN E 104 -5.98 29.59 -19.49
CA GLN E 104 -5.00 29.80 -20.52
C GLN E 104 -4.29 28.48 -20.69
N LEU E 105 -3.96 27.85 -19.58
CA LEU E 105 -3.29 26.55 -19.65
C LEU E 105 -4.09 25.57 -20.51
N LEU E 106 -5.37 25.44 -20.20
CA LEU E 106 -6.24 24.53 -20.92
C LEU E 106 -6.34 24.88 -22.41
N ASN E 107 -6.30 26.16 -22.74
CA ASN E 107 -6.30 26.57 -24.14
C ASN E 107 -5.09 26.02 -24.85
N VAL E 108 -3.92 26.20 -24.23
CA VAL E 108 -2.65 25.78 -24.79
C VAL E 108 -2.59 24.27 -25.03
N LYS E 109 -3.04 23.50 -24.05
CA LYS E 109 -3.02 22.04 -24.12
C LYS E 109 -3.88 21.51 -25.26
N TYR E 110 -5.11 22.00 -25.33
CA TYR E 110 -6.07 21.47 -26.29
C TYR E 110 -6.04 22.21 -27.64
N GLY E 111 -4.98 22.98 -27.85
CA GLY E 111 -4.75 23.60 -29.14
C GLY E 111 -5.73 24.71 -29.51
N ARG E 112 -6.38 25.30 -28.54
CA ARG E 112 -7.25 26.41 -28.82
C ARG E 112 -6.51 27.68 -29.14
N VAL E 113 -5.21 27.72 -28.89
CA VAL E 113 -4.39 28.90 -29.15
C VAL E 113 -3.06 28.54 -29.80
N SER E 114 -2.38 29.51 -30.43
CA SER E 114 -1.11 29.25 -31.12
C SER E 114 0.07 30.24 -30.96
N ASP E 115 1.30 29.70 -30.92
CA ASP E 115 2.55 30.47 -30.90
C ASP E 115 2.69 31.10 -32.25
N PRO E 116 3.08 32.39 -32.40
CA PRO E 116 3.52 33.30 -31.34
C PRO E 116 4.65 33.01 -30.35
N ASN E 117 4.31 33.38 -29.11
CA ASN E 117 5.18 33.35 -27.97
C ASN E 117 4.37 32.86 -26.82
N GLY E 118 5.04 32.41 -25.78
CA GLY E 118 6.47 32.31 -25.82
C GLY E 118 7.01 30.94 -26.11
N GLY E 119 6.44 29.91 -25.55
CA GLY E 119 7.13 28.63 -25.58
C GLY E 119 6.38 27.51 -26.31
N ARG E 120 7.07 26.70 -27.11
CA ARG E 120 6.36 25.67 -27.87
C ARG E 120 5.94 24.47 -27.04
N VAL E 121 5.15 23.59 -27.64
CA VAL E 121 4.50 22.47 -26.96
C VAL E 121 4.79 21.12 -27.60
N ASN E 122 5.29 20.19 -26.77
CA ASN E 122 5.40 18.78 -27.14
C ASN E 122 4.68 17.93 -26.11
N LYS E 123 5.00 16.64 -26.05
CA LYS E 123 4.35 15.76 -25.09
C LYS E 123 4.88 15.98 -23.68
N ASP E 124 6.16 16.34 -23.58
CA ASP E 124 6.76 16.65 -22.28
C ASP E 124 6.13 17.91 -21.70
N VAL E 125 6.08 18.96 -22.50
CA VAL E 125 5.49 20.21 -22.04
C VAL E 125 4.04 19.94 -21.71
N GLU E 126 3.41 19.10 -22.51
CA GLU E 126 2.01 18.82 -22.33
C GLU E 126 1.74 18.24 -20.96
N GLU E 127 2.67 17.41 -20.46
CA GLU E 127 2.44 16.80 -19.15
C GLU E 127 2.74 17.74 -17.97
N ILE E 128 3.76 18.58 -18.07
CA ILE E 128 3.99 19.51 -16.97
C ILE E 128 2.89 20.56 -16.92
N ILE E 129 2.30 20.87 -18.08
CA ILE E 129 1.13 21.74 -18.12
C ILE E 129 -0.05 21.09 -17.36
N SER E 130 -0.31 19.82 -17.63
CA SER E 130 -1.36 19.11 -16.89
C SER E 130 -1.12 19.08 -15.38
N MET E 131 0.13 18.90 -14.97
CA MET E 131 0.49 18.93 -13.57
C MET E 131 0.07 20.27 -12.97
N ALA E 132 0.21 21.33 -13.74
CA ALA E 132 -0.10 22.66 -13.26
C ALA E 132 -1.61 22.83 -13.17
N VAL E 133 -2.31 22.34 -14.20
CA VAL E 133 -3.77 22.32 -14.23
C VAL E 133 -4.31 21.49 -13.07
N ASP E 134 -3.52 20.53 -12.62
CA ASP E 134 -3.89 19.69 -11.50
C ASP E 134 -3.78 20.49 -10.20
N ASP E 135 -2.65 21.18 -10.05
CA ASP E 135 -2.46 22.08 -8.91
C ASP E 135 -3.55 23.15 -8.88
N LEU E 136 -3.89 23.69 -10.04
CA LEU E 136 -4.89 24.76 -10.13
C LEU E 136 -6.28 24.32 -9.70
N GLU E 137 -6.63 23.08 -10.01
CA GLU E 137 -7.94 22.55 -9.67
C GLU E 137 -8.08 22.15 -8.20
N ASN E 138 -6.96 21.75 -7.59
CA ASN E 138 -6.96 21.37 -6.18
C ASN E 138 -6.71 22.56 -5.26
N MET E 139 -7.10 23.75 -5.72
CA MET E 139 -6.74 24.95 -5.00
C MET E 139 -7.98 25.68 -4.45
N GLU F 14 0.12 0.67 16.07
CA GLU F 14 -1.23 1.08 16.38
C GLU F 14 -1.63 2.20 15.49
N LEU F 15 -2.91 2.46 15.47
CA LEU F 15 -3.56 3.21 14.44
C LEU F 15 -3.06 4.62 14.34
N PRO F 16 -2.84 5.23 15.48
CA PRO F 16 -2.40 6.63 15.54
C PRO F 16 -1.06 6.91 14.92
N GLU F 17 -0.02 6.19 15.20
CA GLU F 17 1.10 6.55 14.39
C GLU F 17 0.75 6.06 12.97
N GLU F 18 1.05 4.82 12.60
CA GLU F 18 0.48 4.38 11.33
C GLU F 18 -0.20 5.45 10.46
N LEU F 19 -1.33 5.94 10.88
CA LEU F 19 -2.08 6.89 10.09
C LEU F 19 -1.30 8.12 9.86
N GLU F 20 -0.60 8.56 10.88
CA GLU F 20 0.18 9.77 10.78
C GLU F 20 1.31 9.63 9.81
N ALA F 21 1.97 8.51 9.86
CA ALA F 21 3.11 8.31 9.04
C ALA F 21 2.65 8.23 7.62
N GLN F 22 1.38 8.00 7.44
CA GLN F 22 0.90 7.84 6.11
C GLN F 22 0.77 9.18 5.45
N ARG F 23 0.58 10.22 6.24
CA ARG F 23 0.55 11.55 5.67
C ARG F 23 1.95 12.07 5.52
N GLN F 24 2.86 11.71 6.41
CA GLN F 24 4.20 12.19 6.17
C GLN F 24 4.81 11.69 4.88
N ARG F 25 4.63 10.42 4.63
CA ARG F 25 5.21 9.67 3.51
C ARG F 25 4.69 10.10 2.14
N HIS F 26 3.38 10.35 2.05
CA HIS F 26 2.81 10.88 0.81
C HIS F 26 3.47 12.22 0.40
N ASN F 27 3.89 13.01 1.40
CA ASN F 27 4.50 14.34 1.15
C ASN F 27 5.98 14.30 0.84
N ASP F 28 6.61 13.19 1.17
CA ASP F 28 8.02 13.02 0.92
C ASP F 28 8.36 13.32 -0.56
N PRO F 29 9.21 14.33 -0.80
CA PRO F 29 9.61 14.67 -2.17
C PRO F 29 10.30 13.52 -2.90
N ARG F 30 10.83 12.57 -2.15
CA ARG F 30 11.52 11.43 -2.77
C ARG F 30 10.58 10.28 -3.18
N ARG F 31 9.30 10.39 -2.82
CA ARG F 31 8.32 9.37 -3.18
C ARG F 31 8.20 9.16 -4.70
N PRO F 32 8.43 7.93 -5.17
CA PRO F 32 8.17 7.61 -6.58
C PRO F 32 6.68 7.47 -6.77
N PRO F 33 6.11 8.21 -7.73
CA PRO F 33 4.67 8.08 -7.99
C PRO F 33 4.33 6.63 -8.28
N TRP F 34 3.25 6.13 -7.69
CA TRP F 34 2.87 4.72 -7.80
C TRP F 34 2.77 4.18 -9.25
N PRO F 35 2.14 4.94 -10.17
CA PRO F 35 2.04 4.48 -11.57
C PRO F 35 3.38 4.22 -12.23
N LEU F 36 4.38 5.05 -11.92
CA LEU F 36 5.72 4.86 -12.46
C LEU F 36 6.41 3.67 -11.81
N LEU F 37 6.21 3.51 -10.51
CA LEU F 37 6.77 2.38 -9.77
C LEU F 37 6.20 1.07 -10.35
N HIS F 38 4.89 1.07 -10.57
CA HIS F 38 4.22 -0.04 -11.19
C HIS F 38 4.74 -0.30 -12.59
N GLN F 39 4.88 0.78 -13.37
CA GLN F 39 5.44 0.68 -14.71
C GLN F 39 6.82 0.03 -14.67
N ARG F 40 7.65 0.47 -13.72
CA ARG F 40 8.99 -0.09 -13.56
C ARG F 40 9.01 -1.55 -13.07
N VAL F 41 8.04 -1.95 -12.26
CA VAL F 41 7.94 -3.35 -11.84
C VAL F 41 7.50 -4.22 -13.02
N VAL F 42 6.52 -3.74 -13.78
CA VAL F 42 6.09 -4.44 -14.99
C VAL F 42 7.25 -4.59 -15.99
N LEU F 43 8.15 -3.62 -16.07
CA LEU F 43 9.33 -3.74 -16.93
C LEU F 43 10.23 -4.88 -16.44
N LEU F 44 10.41 -4.98 -15.13
CA LEU F 44 11.15 -6.10 -14.52
C LEU F 44 10.73 -7.40 -15.14
N ARG F 45 9.44 -7.69 -15.08
CA ARG F 45 8.95 -8.97 -15.46
C ARG F 45 9.28 -9.30 -16.88
N GLU F 46 9.17 -8.34 -17.75
CA GLU F 46 9.30 -8.59 -19.15
C GLU F 46 10.69 -8.47 -19.65
N GLY F 47 11.65 -8.33 -18.75
CA GLY F 47 13.05 -8.24 -19.12
C GLY F 47 13.69 -6.91 -19.43
N LYS F 48 12.99 -5.81 -19.15
CA LYS F 48 13.45 -4.53 -19.61
C LYS F 48 13.61 -3.26 -18.79
N GLY F 49 13.49 -3.17 -17.47
CA GLY F 49 13.91 -4.05 -16.45
C GLY F 49 15.13 -3.49 -15.82
N ALA F 50 15.06 -3.19 -14.55
CA ALA F 50 16.22 -2.84 -13.78
C ALA F 50 16.30 -3.73 -12.58
N PRO F 51 16.73 -4.96 -12.80
CA PRO F 51 16.81 -5.96 -11.70
C PRO F 51 17.69 -5.46 -10.55
N GLU F 52 18.68 -4.61 -10.83
CA GLU F 52 19.51 -4.09 -9.75
C GLU F 52 18.69 -3.32 -8.73
N ASP F 53 17.46 -2.95 -9.11
CA ASP F 53 16.63 -2.09 -8.25
C ASP F 53 15.45 -2.79 -7.58
N ILE F 54 15.32 -4.10 -7.80
CA ILE F 54 14.25 -4.89 -7.21
C ILE F 54 14.03 -4.63 -5.71
N ALA F 55 15.12 -4.65 -4.94
CA ALA F 55 15.03 -4.41 -3.50
C ALA F 55 14.52 -3.03 -3.20
N LEU F 56 15.03 -2.05 -3.90
CA LEU F 56 14.65 -0.67 -3.73
C LEU F 56 13.20 -0.42 -4.01
N MET F 57 12.71 -0.98 -5.10
CA MET F 57 11.33 -0.85 -5.53
C MET F 57 10.35 -1.54 -4.62
N TRP F 58 10.72 -2.67 -4.08
CA TRP F 58 9.88 -3.35 -3.14
C TRP F 58 9.88 -2.65 -1.81
N GLU F 59 10.99 -2.08 -1.42
CA GLU F 59 11.07 -1.28 -0.25
C GLU F 59 10.20 -0.05 -0.37
N GLN F 60 10.15 0.52 -1.55
CA GLN F 60 9.37 1.68 -1.84
C GLN F 60 7.90 1.35 -1.83
N THR F 61 7.56 0.13 -2.18
CA THR F 61 6.21 -0.33 -2.20
C THR F 61 5.69 -0.55 -0.79
N LYS F 62 6.45 -1.25 0.04
CA LYS F 62 6.04 -1.44 1.43
C LYS F 62 5.96 -0.09 2.13
N HIS F 63 6.93 0.77 1.84
CA HIS F 63 7.02 2.03 2.57
C HIS F 63 5.93 3.03 2.18
N TYR F 64 5.67 3.19 0.89
CA TYR F 64 4.69 4.17 0.43
C TYR F 64 3.33 3.56 0.09
N TYR F 65 3.33 2.31 -0.36
CA TYR F 65 2.09 1.69 -0.79
C TYR F 65 1.73 0.36 -0.07
N PRO F 66 1.59 0.42 1.27
CA PRO F 66 1.35 -0.79 2.08
C PRO F 66 0.08 -1.54 1.66
N ALA F 67 -0.86 -0.86 1.00
CA ALA F 67 -2.16 -1.44 0.67
C ALA F 67 -2.34 -1.85 -0.79
N ASP F 68 -1.36 -1.55 -1.64
CA ASP F 68 -1.44 -1.97 -3.04
C ASP F 68 -1.29 -3.48 -3.16
N TRP F 69 -2.07 -4.07 -4.07
CA TRP F 69 -1.99 -5.51 -4.34
C TRP F 69 -1.44 -5.75 -5.74
N LEU F 70 -1.45 -4.70 -6.55
CA LEU F 70 -1.11 -4.81 -7.96
C LEU F 70 0.39 -4.98 -8.21
N ILE F 71 1.20 -4.25 -7.47
CA ILE F 71 2.65 -4.47 -7.53
C ILE F 71 3.03 -5.81 -6.89
N PRO F 72 2.49 -6.12 -5.75
CA PRO F 72 2.70 -7.42 -5.17
C PRO F 72 2.35 -8.59 -6.07
N LEU F 73 1.30 -8.49 -6.85
CA LEU F 73 0.97 -9.54 -7.79
C LEU F 73 2.00 -9.73 -8.87
N GLU F 74 2.56 -8.63 -9.36
CA GLU F 74 3.56 -8.62 -10.41
C GLU F 74 4.85 -9.17 -9.92
N LEU F 75 5.20 -8.78 -8.73
CA LEU F 75 6.34 -9.27 -8.05
C LEU F 75 6.21 -10.73 -7.73
N THR F 76 4.99 -11.17 -7.52
CA THR F 76 4.70 -12.56 -7.30
C THR F 76 5.04 -13.33 -8.55
N GLN F 77 4.68 -12.79 -9.70
CA GLN F 77 5.07 -13.39 -10.98
C GLN F 77 6.58 -13.47 -11.16
N VAL F 78 7.30 -12.42 -10.77
CA VAL F 78 8.76 -12.43 -10.83
C VAL F 78 9.35 -13.57 -10.04
N LEU F 79 8.91 -13.69 -8.80
CA LEU F 79 9.40 -14.72 -7.89
C LEU F 79 9.08 -16.12 -8.38
N LYS F 80 7.92 -16.28 -8.98
CA LYS F 80 7.44 -17.55 -9.46
C LYS F 80 8.24 -18.06 -10.66
N TYR F 81 8.45 -17.21 -11.66
CA TYR F 81 9.09 -17.66 -12.91
C TYR F 81 10.58 -17.38 -13.08
N SER F 82 11.16 -16.56 -12.21
CA SER F 82 12.58 -16.33 -12.28
C SER F 82 13.31 -17.54 -11.70
N SER F 83 14.49 -17.84 -12.24
CA SER F 83 15.30 -18.90 -11.68
C SER F 83 15.78 -18.47 -10.29
N GLY F 84 16.30 -19.43 -9.52
CA GLY F 84 16.83 -19.10 -8.22
C GLY F 84 18.13 -18.33 -8.35
N LYS F 85 18.88 -18.62 -9.41
CA LYS F 85 20.15 -17.96 -9.65
C LYS F 85 19.88 -16.47 -9.93
N TYR F 86 18.94 -16.23 -10.84
CA TYR F 86 18.47 -14.87 -11.07
C TYR F 86 18.10 -14.19 -9.75
N LEU F 87 17.00 -14.64 -9.15
CA LEU F 87 16.52 -14.10 -7.89
C LEU F 87 17.65 -13.84 -6.91
N GLN F 88 18.57 -14.81 -6.82
CA GLN F 88 19.63 -14.76 -5.83
C GLN F 88 20.70 -13.73 -6.18
N THR F 89 20.87 -13.49 -7.48
CA THR F 89 21.83 -12.49 -7.95
C THR F 89 21.44 -11.08 -7.55
N TYR F 90 20.14 -10.80 -7.65
CA TYR F 90 19.65 -9.43 -7.47
C TYR F 90 19.02 -9.18 -6.11
N VAL F 91 18.66 -10.25 -5.41
CA VAL F 91 17.98 -10.10 -4.13
C VAL F 91 18.76 -10.81 -3.02
N ALA F 92 19.25 -10.04 -2.05
CA ALA F 92 20.01 -10.64 -0.94
C ALA F 92 19.27 -11.81 -0.31
N ASP F 93 18.04 -11.59 0.13
CA ASP F 93 17.28 -12.66 0.77
C ASP F 93 15.94 -12.94 0.08
N PRO F 94 15.96 -13.76 -0.97
CA PRO F 94 14.77 -14.04 -1.78
C PRO F 94 13.62 -14.57 -0.93
N ASP F 95 13.94 -15.42 0.02
CA ASP F 95 12.87 -16.05 0.75
C ASP F 95 12.14 -15.04 1.62
N GLU F 96 12.90 -14.22 2.33
N GLU F 96 12.93 -14.24 2.34
CA GLU F 96 12.30 -13.19 3.15
CA GLU F 96 12.41 -13.14 3.14
C GLU F 96 11.43 -12.27 2.28
C GLU F 96 11.49 -12.25 2.31
N MET F 97 11.94 -11.92 1.10
CA MET F 97 11.17 -11.08 0.18
C MET F 97 9.83 -11.72 -0.14
N ARG F 98 9.87 -12.98 -0.54
CA ARG F 98 8.67 -13.70 -0.90
C ARG F 98 7.69 -13.71 0.27
N LYS F 99 8.19 -13.76 1.48
CA LYS F 99 7.39 -13.64 2.67
C LYS F 99 6.74 -12.29 2.88
N GLU F 100 7.49 -11.23 2.61
CA GLU F 100 6.98 -9.87 2.74
C GLU F 100 5.86 -9.59 1.72
N VAL F 101 6.03 -10.10 0.50
CA VAL F 101 5.03 -9.91 -0.54
C VAL F 101 3.76 -10.65 -0.16
N LEU F 102 3.93 -11.86 0.37
CA LEU F 102 2.85 -12.63 0.98
C LEU F 102 2.14 -11.83 2.09
N MET F 103 2.93 -11.31 3.02
CA MET F 103 2.39 -10.52 4.14
C MET F 103 1.56 -9.32 3.69
N GLN F 104 2.06 -8.59 2.70
CA GLN F 104 1.35 -7.42 2.21
C GLN F 104 0.04 -7.84 1.55
N LEU F 105 0.10 -8.90 0.75
CA LEU F 105 -1.07 -9.41 0.07
C LEU F 105 -2.12 -9.91 1.06
N LEU F 106 -1.66 -10.44 2.19
CA LEU F 106 -2.58 -10.97 3.20
C LEU F 106 -3.26 -9.81 3.91
N ASN F 107 -2.45 -8.82 4.28
CA ASN F 107 -2.97 -7.60 4.88
C ASN F 107 -4.11 -7.05 4.06
N VAL F 108 -3.93 -7.03 2.74
CA VAL F 108 -4.98 -6.55 1.87
C VAL F 108 -6.18 -7.48 1.93
N LYS F 109 -5.92 -8.79 1.83
CA LYS F 109 -7.01 -9.76 1.79
C LYS F 109 -7.96 -9.63 2.98
N TYR F 110 -7.40 -9.43 4.17
CA TYR F 110 -8.20 -9.38 5.38
C TYR F 110 -8.34 -7.96 5.92
N GLY F 111 -8.38 -6.97 5.03
CA GLY F 111 -8.50 -5.58 5.46
C GLY F 111 -7.65 -5.20 6.67
N ARG F 112 -6.50 -5.84 6.83
CA ARG F 112 -5.57 -5.51 7.92
C ARG F 112 -4.91 -4.16 7.65
N VAL F 113 -5.14 -3.63 6.46
CA VAL F 113 -4.48 -2.42 6.03
C VAL F 113 -5.43 -1.69 5.09
N SER F 114 -5.40 -0.37 5.12
CA SER F 114 -6.15 0.44 4.18
C SER F 114 -5.35 1.69 3.88
N ASP F 115 -5.29 2.05 2.61
CA ASP F 115 -4.42 3.13 2.14
C ASP F 115 -4.82 3.37 0.69
N PRO F 116 -5.09 4.64 0.34
CA PRO F 116 -5.67 5.01 -0.95
C PRO F 116 -4.83 4.63 -2.17
N ASN F 117 -3.55 4.37 -1.99
CA ASN F 117 -2.64 4.16 -3.12
C ASN F 117 -2.57 2.80 -3.75
N GLY F 118 -2.68 2.75 -5.05
CA GLY F 118 -2.66 1.50 -5.72
C GLY F 118 -4.00 0.99 -6.12
N GLY F 119 -4.09 -0.29 -6.42
CA GLY F 119 -5.33 -0.91 -6.77
C GLY F 119 -6.29 -1.06 -5.62
N ARG F 120 -7.58 -1.05 -5.95
CA ARG F 120 -8.65 -1.16 -4.98
C ARG F 120 -9.22 -2.57 -5.00
N VAL F 121 -9.96 -2.97 -3.98
CA VAL F 121 -10.38 -4.37 -3.82
C VAL F 121 -11.85 -4.63 -3.95
N ASN F 122 -12.19 -5.82 -4.45
CA ASN F 122 -13.54 -6.37 -4.56
C ASN F 122 -13.46 -7.89 -4.50
N LYS F 123 -14.54 -8.60 -4.78
CA LYS F 123 -14.54 -10.05 -4.67
C LYS F 123 -13.65 -10.70 -5.72
N ASP F 124 -13.70 -10.18 -6.95
CA ASP F 124 -12.83 -10.66 -8.04
C ASP F 124 -11.36 -10.47 -7.70
N VAL F 125 -11.04 -9.28 -7.22
CA VAL F 125 -9.70 -8.93 -6.83
C VAL F 125 -9.27 -9.80 -5.67
N GLU F 126 -10.19 -10.00 -4.72
CA GLU F 126 -9.86 -10.78 -3.55
C GLU F 126 -9.47 -12.21 -3.91
N GLU F 127 -10.15 -12.78 -4.90
CA GLU F 127 -9.81 -14.12 -5.34
C GLU F 127 -8.43 -14.20 -6.01
N ILE F 128 -8.12 -13.25 -6.89
CA ILE F 128 -6.80 -13.28 -7.53
C ILE F 128 -5.69 -12.97 -6.53
N ILE F 129 -6.04 -12.29 -5.45
CA ILE F 129 -5.09 -12.11 -4.37
C ILE F 129 -4.87 -13.47 -3.71
N SER F 130 -5.93 -14.26 -3.63
CA SER F 130 -5.86 -15.57 -2.98
C SER F 130 -5.06 -16.53 -3.84
N MET F 131 -5.20 -16.41 -5.15
CA MET F 131 -4.41 -17.22 -6.06
C MET F 131 -2.94 -16.92 -5.82
N ALA F 132 -2.61 -15.64 -5.72
CA ALA F 132 -1.22 -15.24 -5.51
C ALA F 132 -0.71 -15.74 -4.16
N VAL F 133 -1.52 -15.56 -3.12
CA VAL F 133 -1.15 -15.98 -1.78
C VAL F 133 -0.81 -17.47 -1.78
N ASP F 134 -1.63 -18.22 -2.51
CA ASP F 134 -1.42 -19.64 -2.69
C ASP F 134 -0.09 -19.92 -3.40
N ASP F 135 0.16 -19.24 -4.50
CA ASP F 135 1.41 -19.39 -5.18
C ASP F 135 2.55 -19.04 -4.27
N LEU F 136 2.48 -17.94 -3.58
CA LEU F 136 3.59 -17.58 -2.74
C LEU F 136 3.85 -18.65 -1.71
N GLU F 137 2.79 -19.27 -1.24
CA GLU F 137 2.88 -20.23 -0.18
C GLU F 137 3.43 -21.57 -0.66
N ASN F 138 3.18 -21.91 -1.91
CA ASN F 138 3.74 -23.10 -2.50
C ASN F 138 5.04 -22.80 -3.17
N MET F 139 5.62 -21.69 -2.80
CA MET F 139 6.89 -21.27 -3.38
C MET F 139 8.09 -21.66 -2.55
N ASP F 140 9.02 -22.34 -3.19
CA ASP F 140 10.20 -22.78 -2.50
C ASP F 140 11.19 -21.75 -2.05
N LEU F 141 11.61 -20.93 -2.99
CA LEU F 141 12.63 -19.94 -2.73
C LEU F 141 13.76 -20.58 -1.95
N ASN F 142 14.23 -20.03 -0.84
CA ASN F 142 15.23 -20.79 -0.09
C ASN F 142 16.07 -20.01 0.92
N PRO G 29 -8.61 36.27 13.95
CA PRO G 29 -8.82 37.36 14.89
C PRO G 29 -7.53 37.73 15.53
N ARG G 30 -6.42 37.59 14.85
CA ARG G 30 -5.15 37.87 15.47
C ARG G 30 -4.82 36.80 16.50
N ARG G 31 -5.45 35.65 16.37
CA ARG G 31 -5.00 34.52 17.12
C ARG G 31 -3.72 34.10 16.47
N PRO G 32 -2.65 34.00 17.23
CA PRO G 32 -1.35 33.70 16.67
C PRO G 32 -1.29 32.26 16.28
N PRO G 33 -0.57 31.96 15.23
CA PRO G 33 -0.46 30.59 14.83
C PRO G 33 0.45 29.93 15.77
N TRP G 34 0.12 28.73 16.12
CA TRP G 34 0.93 28.02 17.08
C TRP G 34 2.43 28.03 16.72
N PRO G 35 2.77 27.79 15.44
CA PRO G 35 4.20 27.80 15.10
C PRO G 35 4.88 29.12 15.42
N LEU G 36 4.23 30.23 15.09
CA LEU G 36 4.84 31.54 15.36
C LEU G 36 4.95 31.82 16.86
N LEU G 37 3.94 31.39 17.62
CA LEU G 37 3.94 31.59 19.06
C LEU G 37 5.12 30.83 19.67
N HIS G 38 5.30 29.59 19.23
CA HIS G 38 6.38 28.75 19.73
C HIS G 38 7.75 29.30 19.36
N GLN G 39 7.83 29.97 18.23
CA GLN G 39 9.09 30.55 17.79
C GLN G 39 9.47 31.76 18.64
N ARG G 40 8.48 32.50 19.12
CA ARG G 40 8.73 33.62 20.01
C ARG G 40 9.12 33.14 21.39
N VAL G 41 8.32 32.24 21.95
CA VAL G 41 8.63 31.63 23.24
C VAL G 41 10.03 31.01 23.26
N VAL G 42 10.45 30.43 22.16
CA VAL G 42 11.76 29.87 22.01
C VAL G 42 12.82 30.94 22.10
N LEU G 43 12.48 32.13 21.65
CA LEU G 43 13.43 33.21 21.67
C LEU G 43 13.84 33.59 23.07
N LEU G 44 12.92 33.56 24.00
CA LEU G 44 13.14 34.20 25.26
C LEU G 44 14.34 33.64 25.96
N ARG G 45 14.50 32.32 25.91
CA ARG G 45 15.57 31.65 26.63
C ARG G 45 16.92 32.25 26.34
N GLU G 46 17.14 32.63 25.08
CA GLU G 46 18.39 33.19 24.63
C GLU G 46 18.57 34.60 25.07
N GLY G 47 17.51 35.18 25.60
CA GLY G 47 17.55 36.57 25.98
C GLY G 47 17.18 37.45 24.83
N LYS G 48 16.84 36.83 23.72
CA LYS G 48 16.24 37.46 22.57
C LYS G 48 14.73 37.62 22.69
N GLY G 49 14.13 38.39 21.77
CA GLY G 49 12.69 38.45 21.61
C GLY G 49 11.97 39.48 22.46
N ALA G 50 10.73 39.17 22.84
CA ALA G 50 9.85 40.14 23.50
C ALA G 50 9.48 39.76 24.95
N PRO G 51 10.45 39.87 25.88
CA PRO G 51 10.21 39.50 27.28
C PRO G 51 9.12 40.37 27.92
N GLU G 52 8.75 41.46 27.26
CA GLU G 52 7.65 42.30 27.74
C GLU G 52 6.34 41.62 27.38
N ASP G 53 6.43 40.61 26.53
CA ASP G 53 5.23 39.91 26.10
C ASP G 53 5.07 38.55 26.78
N ILE G 54 6.02 38.18 27.63
CA ILE G 54 5.94 36.90 28.31
C ILE G 54 4.52 36.61 28.81
N ALA G 55 3.93 37.56 29.52
CA ALA G 55 2.55 37.41 29.96
C ALA G 55 1.60 37.27 28.77
N LEU G 56 1.77 38.13 27.78
CA LEU G 56 0.93 38.11 26.59
C LEU G 56 0.91 36.73 25.95
N MET G 57 2.10 36.26 25.60
CA MET G 57 2.26 35.01 24.87
C MET G 57 1.64 33.86 25.63
N TRP G 58 1.88 33.82 26.94
CA TRP G 58 1.35 32.75 27.78
C TRP G 58 -0.18 32.81 27.91
N GLU G 59 -0.74 34.02 27.99
N GLU G 59 -0.75 34.00 27.91
CA GLU G 59 -2.20 34.18 27.93
CA GLU G 59 -2.19 34.13 27.92
C GLU G 59 -2.73 33.57 26.65
C GLU G 59 -2.75 33.60 26.64
N GLN G 60 -2.04 33.83 25.54
CA GLN G 60 -2.44 33.32 24.24
C GLN G 60 -2.49 31.81 24.19
N THR G 61 -1.46 31.15 24.72
CA THR G 61 -1.43 29.68 24.61
C THR G 61 -2.45 29.04 25.56
N LYS G 62 -2.69 29.67 26.71
CA LYS G 62 -3.73 29.21 27.61
C LYS G 62 -5.07 29.26 26.88
N HIS G 63 -5.35 30.43 26.30
CA HIS G 63 -6.60 30.69 25.62
C HIS G 63 -6.77 29.91 24.31
N TYR G 64 -5.79 30.01 23.43
CA TYR G 64 -5.88 29.38 22.11
C TYR G 64 -5.40 27.93 22.12
N TYR G 65 -4.44 27.61 22.97
CA TYR G 65 -3.81 26.29 22.95
C TYR G 65 -3.68 25.65 24.33
N PRO G 66 -4.82 25.43 24.99
CA PRO G 66 -4.87 24.92 26.35
C PRO G 66 -4.50 23.44 26.42
N ALA G 67 -4.34 22.78 25.28
CA ALA G 67 -4.05 21.34 25.29
C ALA G 67 -2.60 21.07 24.92
N ASP G 68 -1.88 22.13 24.61
CA ASP G 68 -0.49 22.02 24.23
C ASP G 68 0.39 21.62 25.41
N TRP G 69 1.33 20.72 25.17
CA TRP G 69 2.34 20.43 26.19
C TRP G 69 3.68 21.10 25.89
N LEU G 70 3.99 21.22 24.60
CA LEU G 70 5.27 21.75 24.12
C LEU G 70 5.61 23.14 24.69
N ILE G 71 4.75 24.12 24.45
CA ILE G 71 5.01 25.46 24.95
C ILE G 71 5.07 25.55 26.49
N PRO G 72 4.11 24.92 27.20
CA PRO G 72 4.27 24.87 28.65
C PRO G 72 5.61 24.24 29.02
N LEU G 73 5.97 23.13 28.40
CA LEU G 73 7.28 22.52 28.61
C LEU G 73 8.45 23.50 28.40
N GLU G 74 8.28 24.44 27.48
CA GLU G 74 9.33 25.42 27.19
C GLU G 74 9.37 26.48 28.27
N LEU G 75 8.18 26.91 28.68
CA LEU G 75 8.01 28.01 29.62
C LEU G 75 8.54 27.58 30.98
N THR G 76 8.35 26.30 31.29
CA THR G 76 8.93 25.68 32.48
C THR G 76 10.45 25.94 32.51
N GLN G 77 11.10 25.85 31.35
CA GLN G 77 12.54 26.13 31.25
C GLN G 77 12.85 27.60 31.50
N VAL G 78 11.99 28.48 31.00
CA VAL G 78 12.14 29.90 31.26
C VAL G 78 12.17 30.15 32.76
N LEU G 79 11.30 29.48 33.48
CA LEU G 79 11.25 29.53 34.93
C LEU G 79 12.33 28.86 35.73
N LYS G 80 12.76 27.68 35.31
CA LYS G 80 13.83 26.93 35.94
C LYS G 80 15.21 27.53 35.90
N TYR G 81 15.56 28.14 34.79
CA TYR G 81 16.92 28.64 34.58
C TYR G 81 17.12 30.13 34.41
N SER G 82 16.07 30.92 34.47
CA SER G 82 16.18 32.28 33.99
C SER G 82 17.13 33.22 34.72
N SER G 83 17.14 33.14 36.04
CA SER G 83 17.88 34.06 36.87
C SER G 83 16.93 35.00 37.56
N GLY G 84 17.34 35.48 38.72
CA GLY G 84 16.47 36.23 39.60
C GLY G 84 15.93 37.55 39.11
N LYS G 85 16.79 38.32 38.46
CA LYS G 85 16.41 39.60 37.92
C LYS G 85 15.41 39.50 36.79
N TYR G 86 15.66 38.55 35.91
CA TYR G 86 14.82 38.40 34.75
C TYR G 86 13.45 38.07 35.22
N LEU G 87 13.37 37.15 36.16
CA LEU G 87 12.10 36.76 36.67
C LEU G 87 11.52 37.94 37.40
N GLN G 88 12.36 38.58 38.20
CA GLN G 88 11.92 39.74 38.93
C GLN G 88 11.55 40.80 37.93
N THR G 89 12.36 40.95 36.90
CA THR G 89 12.10 41.99 35.94
C THR G 89 10.92 41.71 35.04
N TYR G 90 10.81 40.49 34.58
CA TYR G 90 9.86 40.25 33.51
C TYR G 90 8.60 39.48 33.83
N VAL G 91 8.53 38.82 34.98
CA VAL G 91 7.31 38.15 35.37
C VAL G 91 6.63 38.78 36.59
N ALA G 92 5.44 39.34 36.41
CA ALA G 92 4.70 39.95 37.49
C ALA G 92 4.56 39.00 38.67
N ASP G 93 4.10 37.80 38.38
CA ASP G 93 3.83 36.82 39.42
C ASP G 93 4.34 35.49 38.97
N PRO G 94 5.43 35.06 39.56
CA PRO G 94 6.12 33.89 39.11
C PRO G 94 5.54 32.63 39.61
N ASP G 95 5.01 32.59 40.82
CA ASP G 95 4.46 31.35 41.34
C ASP G 95 3.09 31.08 40.79
N GLU G 96 2.41 32.13 40.41
CA GLU G 96 1.13 32.02 39.79
C GLU G 96 1.37 31.37 38.50
N MET G 97 2.34 31.88 37.78
CA MET G 97 2.58 31.43 36.43
C MET G 97 3.01 29.98 36.47
N ARG G 98 3.90 29.67 37.40
CA ARG G 98 4.34 28.30 37.64
C ARG G 98 3.13 27.36 37.81
N LYS G 99 2.19 27.76 38.66
CA LYS G 99 1.01 26.96 38.94
C LYS G 99 0.12 26.76 37.71
N GLU G 100 -0.01 27.81 36.93
CA GLU G 100 -0.82 27.82 35.74
C GLU G 100 -0.24 26.90 34.71
N VAL G 101 1.06 26.95 34.58
CA VAL G 101 1.75 26.18 33.60
C VAL G 101 1.65 24.74 34.02
N LEU G 102 1.68 24.51 35.31
CA LEU G 102 1.68 23.18 35.85
C LEU G 102 0.32 22.55 35.77
N MET G 103 -0.70 23.35 35.91
CA MET G 103 -2.03 22.86 35.70
C MET G 103 -2.24 22.43 34.25
N GLN G 104 -1.86 23.28 33.29
CA GLN G 104 -1.99 22.90 31.88
C GLN G 104 -1.29 21.56 31.61
N LEU G 105 -0.11 21.39 32.20
CA LEU G 105 0.63 20.15 32.07
C LEU G 105 -0.08 18.95 32.73
N LEU G 106 -0.72 19.18 33.86
CA LEU G 106 -1.52 18.13 34.48
C LEU G 106 -2.74 17.80 33.59
N ASN G 107 -3.36 18.86 33.06
CA ASN G 107 -4.45 18.70 32.12
C ASN G 107 -4.07 17.81 30.93
N VAL G 108 -2.90 18.06 30.36
CA VAL G 108 -2.42 17.26 29.25
C VAL G 108 -2.03 15.86 29.71
N LYS G 109 -1.31 15.77 30.83
CA LYS G 109 -0.85 14.48 31.34
C LYS G 109 -1.98 13.49 31.65
N TYR G 110 -3.03 13.96 32.31
CA TYR G 110 -4.12 13.09 32.74
C TYR G 110 -5.33 13.03 31.78
N GLY G 111 -5.11 13.48 30.55
CA GLY G 111 -6.11 13.35 29.49
C GLY G 111 -7.27 14.32 29.60
N ARG G 112 -7.14 15.33 30.41
CA ARG G 112 -8.21 16.26 30.63
C ARG G 112 -8.54 17.08 29.41
N VAL G 113 -7.53 17.41 28.64
CA VAL G 113 -7.70 18.11 27.38
C VAL G 113 -7.10 17.25 26.28
N SER G 114 -7.47 17.50 25.04
CA SER G 114 -6.92 16.69 23.98
C SER G 114 -6.47 17.48 22.79
N ASP G 115 -5.92 16.76 21.84
CA ASP G 115 -5.33 17.29 20.62
C ASP G 115 -4.14 18.23 20.80
N PRO G 116 -3.10 17.76 21.49
CA PRO G 116 -1.96 18.64 21.81
C PRO G 116 -1.11 18.97 20.58
N ASN G 117 -0.89 20.25 20.36
CA ASN G 117 -0.06 20.73 19.24
C ASN G 117 1.30 20.06 19.16
N GLY G 118 1.94 19.87 20.31
CA GLY G 118 3.23 19.22 20.37
C GLY G 118 3.17 17.77 19.93
N GLY G 119 2.00 17.36 19.43
CA GLY G 119 1.80 16.02 18.94
C GLY G 119 1.41 15.01 20.03
N ARG G 120 1.11 13.80 19.60
CA ARG G 120 0.65 12.76 20.48
C ARG G 120 1.50 12.55 21.72
N VAL G 121 0.82 12.40 22.84
CA VAL G 121 1.49 12.06 24.09
C VAL G 121 1.77 10.59 24.16
N ASN G 122 3.00 10.18 23.95
CA ASN G 122 3.33 8.81 24.08
C ASN G 122 3.95 8.50 25.41
N LYS G 123 4.59 7.35 25.47
CA LYS G 123 5.35 6.98 26.63
C LYS G 123 6.28 8.11 27.00
N ASP G 124 7.24 8.41 26.15
CA ASP G 124 8.23 9.42 26.41
C ASP G 124 7.67 10.79 26.73
N VAL G 125 6.65 11.23 26.02
CA VAL G 125 6.18 12.58 26.18
C VAL G 125 5.51 12.74 27.48
N GLU G 126 4.94 11.67 27.94
CA GLU G 126 4.32 11.63 29.26
C GLU G 126 5.40 11.81 30.33
N GLU G 127 6.47 11.04 30.19
CA GLU G 127 7.59 11.17 31.12
C GLU G 127 8.11 12.61 31.14
N ILE G 128 8.34 13.18 29.96
CA ILE G 128 8.86 14.56 29.87
C ILE G 128 7.90 15.56 30.51
N ILE G 129 6.61 15.27 30.40
CA ILE G 129 5.58 16.07 31.05
C ILE G 129 5.62 15.85 32.57
N SER G 130 5.65 14.58 32.98
CA SER G 130 5.76 14.23 34.39
C SER G 130 6.97 14.90 35.02
N MET G 131 8.07 14.94 34.27
CA MET G 131 9.30 15.52 34.78
C MET G 131 9.23 17.04 34.87
N ALA G 132 8.53 17.67 33.94
CA ALA G 132 8.32 19.10 33.99
C ALA G 132 7.42 19.42 35.18
N VAL G 133 6.46 18.53 35.43
CA VAL G 133 5.54 18.68 36.55
C VAL G 133 6.29 18.73 37.89
N ASP G 134 7.09 17.70 38.14
CA ASP G 134 7.95 17.65 39.33
C ASP G 134 8.81 18.90 39.43
N ASP G 135 9.49 19.21 38.33
CA ASP G 135 10.25 20.45 38.20
C ASP G 135 9.49 21.67 38.70
N LEU G 136 8.22 21.78 38.32
CA LEU G 136 7.43 22.95 38.69
C LEU G 136 6.97 22.92 40.15
N GLU G 137 6.75 21.72 40.68
CA GLU G 137 6.43 21.59 42.08
C GLU G 137 7.64 21.86 42.97
N ASN G 138 8.77 21.24 42.62
CA ASN G 138 10.04 21.41 43.34
C ASN G 138 10.69 22.77 43.05
N MET G 139 9.88 23.75 42.66
CA MET G 139 10.43 25.00 42.18
C MET G 139 10.19 26.17 43.12
N ASP G 140 11.28 26.83 43.51
CA ASP G 140 11.23 28.01 44.38
C ASP G 140 11.37 29.29 43.57
N LEU G 141 10.25 29.97 43.31
CA LEU G 141 10.29 31.23 42.58
C LEU G 141 10.08 32.43 43.50
N ARG H 31 -19.35 -18.85 -19.78
CA ARG H 31 -18.81 -17.66 -19.11
C ARG H 31 -17.81 -18.03 -18.00
N PRO H 32 -16.50 -17.88 -18.28
CA PRO H 32 -15.53 -18.23 -17.25
C PRO H 32 -15.59 -17.25 -16.10
N PRO H 33 -15.34 -17.70 -14.87
CA PRO H 33 -15.19 -16.75 -13.76
C PRO H 33 -14.03 -15.80 -14.07
N TRP H 34 -14.13 -14.53 -13.66
CA TRP H 34 -13.10 -13.55 -13.97
C TRP H 34 -11.72 -13.93 -13.44
N PRO H 35 -11.65 -14.37 -12.18
CA PRO H 35 -10.36 -14.80 -11.62
C PRO H 35 -9.64 -15.81 -12.50
N LEU H 36 -10.37 -16.81 -13.00
CA LEU H 36 -9.79 -17.85 -13.83
C LEU H 36 -9.36 -17.28 -15.18
N LEU H 37 -10.22 -16.46 -15.79
CA LEU H 37 -9.90 -15.79 -17.05
C LEU H 37 -8.62 -14.96 -16.93
N HIS H 38 -8.54 -14.15 -15.88
CA HIS H 38 -7.33 -13.38 -15.56
C HIS H 38 -6.12 -14.29 -15.42
N GLN H 39 -6.32 -15.46 -14.84
CA GLN H 39 -5.23 -16.39 -14.61
C GLN H 39 -4.61 -16.85 -15.91
N ARG H 40 -5.47 -17.24 -16.85
CA ARG H 40 -5.00 -17.75 -18.13
C ARG H 40 -4.27 -16.67 -18.92
N VAL H 41 -4.76 -15.43 -18.85
CA VAL H 41 -4.12 -14.34 -19.57
C VAL H 41 -2.72 -14.10 -19.04
N VAL H 42 -2.58 -14.10 -17.73
CA VAL H 42 -1.29 -13.91 -17.06
C VAL H 42 -0.26 -14.96 -17.50
N LEU H 43 -0.75 -16.18 -17.76
CA LEU H 43 0.10 -17.27 -18.20
C LEU H 43 0.70 -17.01 -19.59
N LEU H 44 -0.09 -16.37 -20.45
CA LEU H 44 0.38 -16.04 -21.79
C LEU H 44 1.60 -15.13 -21.70
N ARG H 45 1.56 -14.18 -20.78
CA ARG H 45 2.67 -13.25 -20.57
C ARG H 45 3.96 -14.02 -20.29
N GLU H 46 3.80 -15.25 -19.81
CA GLU H 46 4.93 -16.11 -19.52
C GLU H 46 5.18 -17.10 -20.65
N GLY H 47 4.30 -17.08 -21.65
CA GLY H 47 4.29 -18.10 -22.68
C GLY H 47 4.12 -19.47 -22.04
N LYS H 48 2.98 -19.68 -21.39
CA LYS H 48 2.76 -20.87 -20.59
C LYS H 48 1.28 -21.26 -20.45
N GLY H 49 0.40 -20.55 -21.14
CA GLY H 49 -1.01 -20.83 -21.06
C GLY H 49 -1.53 -21.54 -22.29
N ALA H 50 -2.69 -21.10 -22.76
CA ALA H 50 -3.27 -21.63 -23.98
C ALA H 50 -3.18 -20.58 -25.08
N PRO H 51 -1.97 -20.34 -25.59
CA PRO H 51 -1.79 -19.32 -26.63
C PRO H 51 -2.79 -19.56 -27.76
N GLU H 52 -3.23 -20.80 -27.88
CA GLU H 52 -4.19 -21.19 -28.90
C GLU H 52 -5.52 -20.50 -28.65
N ASP H 53 -5.74 -20.11 -27.40
CA ASP H 53 -7.02 -19.54 -27.00
C ASP H 53 -6.96 -18.03 -26.77
N ILE H 54 -5.92 -17.38 -27.30
CA ILE H 54 -5.82 -15.93 -27.19
C ILE H 54 -7.13 -15.29 -27.65
N ALA H 55 -7.53 -15.57 -28.89
CA ALA H 55 -8.75 -15.03 -29.44
C ALA H 55 -9.91 -15.26 -28.48
N LEU H 56 -9.98 -16.50 -27.99
CA LEU H 56 -11.07 -16.92 -27.10
C LEU H 56 -11.12 -16.06 -25.83
N MET H 57 -10.01 -16.07 -25.08
CA MET H 57 -9.95 -15.32 -23.83
C MET H 57 -10.34 -13.88 -24.06
N TRP H 58 -9.69 -13.24 -25.02
CA TRP H 58 -9.98 -11.85 -25.32
C TRP H 58 -11.43 -11.64 -25.71
N GLU H 59 -12.04 -12.62 -26.36
CA GLU H 59 -13.43 -12.52 -26.76
C GLU H 59 -14.36 -12.70 -25.55
N GLN H 60 -13.96 -13.52 -24.61
CA GLN H 60 -14.75 -13.69 -23.42
C GLN H 60 -14.72 -12.48 -22.50
N THR H 61 -13.56 -11.86 -22.39
CA THR H 61 -13.47 -10.65 -21.61
C THR H 61 -14.27 -9.55 -22.26
N LYS H 62 -14.08 -9.36 -23.54
CA LYS H 62 -14.86 -8.41 -24.28
C LYS H 62 -16.34 -8.61 -24.01
N HIS H 63 -16.73 -9.86 -23.93
CA HIS H 63 -18.13 -10.21 -23.86
C HIS H 63 -18.68 -10.21 -22.47
N TYR H 64 -17.97 -10.81 -21.53
CA TYR H 64 -18.48 -10.87 -20.19
C TYR H 64 -17.99 -9.77 -19.26
N TYR H 65 -16.79 -9.28 -19.51
CA TYR H 65 -16.16 -8.33 -18.61
C TYR H 65 -15.60 -7.12 -19.36
N PRO H 66 -16.52 -6.33 -19.95
CA PRO H 66 -16.16 -5.20 -20.81
C PRO H 66 -15.79 -3.98 -19.98
N ALA H 67 -15.96 -4.09 -18.67
CA ALA H 67 -15.67 -2.96 -17.79
C ALA H 67 -14.33 -3.15 -17.11
N ASP H 68 -13.74 -4.32 -17.35
CA ASP H 68 -12.45 -4.65 -16.77
C ASP H 68 -11.34 -3.91 -17.49
N TRP H 69 -10.38 -3.42 -16.71
CA TRP H 69 -9.20 -2.75 -17.25
C TRP H 69 -7.96 -3.62 -17.08
N LEU H 70 -8.00 -4.51 -16.08
CA LEU H 70 -6.87 -5.34 -15.68
C LEU H 70 -6.45 -6.37 -16.72
N ILE H 71 -7.39 -7.20 -17.18
CA ILE H 71 -7.05 -8.17 -18.21
C ILE H 71 -6.46 -7.48 -19.44
N PRO H 72 -7.12 -6.40 -19.91
CA PRO H 72 -6.58 -5.61 -21.03
C PRO H 72 -5.16 -5.11 -20.79
N LEU H 73 -4.86 -4.53 -19.62
CA LEU H 73 -3.47 -4.20 -19.28
C LEU H 73 -2.52 -5.38 -19.50
N GLU H 74 -2.88 -6.52 -18.91
CA GLU H 74 -2.07 -7.72 -19.07
C GLU H 74 -1.91 -8.01 -20.56
N LEU H 75 -3.04 -8.08 -21.25
CA LEU H 75 -3.07 -8.33 -22.68
C LEU H 75 -2.18 -7.32 -23.41
N THR H 76 -2.23 -6.06 -22.99
CA THR H 76 -1.40 -5.03 -23.60
C THR H 76 0.06 -5.42 -23.53
N GLN H 77 0.44 -6.07 -22.43
CA GLN H 77 1.82 -6.48 -22.23
C GLN H 77 2.14 -7.65 -23.14
N VAL H 78 1.11 -8.45 -23.45
CA VAL H 78 1.29 -9.58 -24.34
C VAL H 78 1.62 -9.12 -25.75
N LEU H 79 0.87 -8.14 -26.23
CA LEU H 79 1.08 -7.60 -27.57
C LEU H 79 2.41 -6.86 -27.63
N LYS H 80 2.72 -6.16 -26.56
CA LYS H 80 3.89 -5.32 -26.50
C LYS H 80 5.20 -6.11 -26.60
N TYR H 81 5.29 -7.22 -25.92
CA TYR H 81 6.53 -7.95 -25.78
C TYR H 81 6.57 -9.33 -26.41
N SER H 82 5.64 -9.62 -27.30
CA SER H 82 5.62 -10.92 -27.94
C SER H 82 6.31 -10.89 -29.26
N SER H 83 6.96 -12.00 -29.61
CA SER H 83 7.71 -12.14 -30.84
C SER H 83 6.84 -11.99 -32.06
N GLY H 84 7.16 -11.03 -32.89
CA GLY H 84 6.33 -10.80 -34.04
C GLY H 84 6.01 -12.10 -34.72
N LYS H 85 6.84 -13.08 -34.44
CA LYS H 85 6.70 -14.36 -35.06
C LYS H 85 5.67 -15.15 -34.29
N TYR H 86 5.63 -14.92 -33.00
CA TYR H 86 4.69 -15.57 -32.13
C TYR H 86 3.38 -14.92 -32.34
N LEU H 87 3.44 -13.73 -32.89
CA LEU H 87 2.24 -12.98 -33.04
C LEU H 87 1.47 -13.55 -34.19
N GLN H 88 2.11 -13.59 -35.35
CA GLN H 88 1.44 -14.04 -36.54
C GLN H 88 0.94 -15.43 -36.31
N THR H 89 1.74 -16.24 -35.66
CA THR H 89 1.30 -17.58 -35.42
C THR H 89 0.04 -17.60 -34.62
N TYR H 90 0.01 -16.86 -33.53
CA TYR H 90 -1.04 -17.06 -32.55
C TYR H 90 -2.16 -16.04 -32.56
N VAL H 91 -1.93 -14.89 -33.16
CA VAL H 91 -2.95 -13.85 -33.15
C VAL H 91 -3.43 -13.52 -34.55
N ALA H 92 -4.72 -13.71 -34.78
CA ALA H 92 -5.20 -13.69 -36.13
C ALA H 92 -5.03 -12.37 -36.84
N ASP H 93 -5.44 -11.28 -36.23
CA ASP H 93 -5.12 -9.96 -36.75
C ASP H 93 -4.72 -9.14 -35.57
N PRO H 94 -3.42 -9.03 -35.43
CA PRO H 94 -2.79 -8.36 -34.30
C PRO H 94 -3.27 -6.93 -34.12
N ASP H 95 -3.11 -6.10 -35.14
CA ASP H 95 -3.46 -4.68 -35.02
C ASP H 95 -4.92 -4.50 -34.62
N GLU H 96 -5.78 -5.37 -35.13
CA GLU H 96 -7.20 -5.36 -34.80
C GLU H 96 -7.39 -5.65 -33.30
N MET H 97 -6.69 -6.66 -32.81
CA MET H 97 -6.71 -6.96 -31.39
C MET H 97 -6.28 -5.73 -30.61
N ARG H 98 -5.11 -5.21 -30.96
CA ARG H 98 -4.56 -4.03 -30.31
C ARG H 98 -5.56 -2.89 -30.23
N LYS H 99 -6.38 -2.74 -31.26
CA LYS H 99 -7.36 -1.66 -31.33
C LYS H 99 -8.57 -1.92 -30.45
N GLU H 100 -8.94 -3.18 -30.32
CA GLU H 100 -10.09 -3.52 -29.49
C GLU H 100 -9.74 -3.33 -28.01
N VAL H 101 -8.54 -3.75 -27.64
CA VAL H 101 -8.03 -3.57 -26.29
C VAL H 101 -8.01 -2.10 -25.92
N LEU H 102 -7.46 -1.29 -26.82
CA LEU H 102 -7.48 0.16 -26.68
C LEU H 102 -8.89 0.71 -26.46
N MET H 103 -9.84 0.20 -27.25
CA MET H 103 -11.22 0.68 -27.20
C MET H 103 -11.85 0.39 -25.83
N GLN H 104 -11.63 -0.81 -25.32
CA GLN H 104 -12.16 -1.15 -23.99
C GLN H 104 -11.55 -0.25 -22.90
N LEU H 105 -10.22 -0.18 -22.87
CA LEU H 105 -9.53 0.66 -21.90
C LEU H 105 -10.05 2.10 -21.88
N LEU H 106 -10.31 2.65 -23.07
CA LEU H 106 -10.85 4.00 -23.16
C LEU H 106 -12.24 4.05 -22.55
N ASN H 107 -13.05 3.02 -22.82
CA ASN H 107 -14.37 2.96 -22.23
C ASN H 107 -14.26 2.98 -20.71
N VAL H 108 -13.23 2.31 -20.20
CA VAL H 108 -13.03 2.30 -18.76
C VAL H 108 -12.44 3.61 -18.27
N LYS H 109 -11.37 4.07 -18.89
CA LYS H 109 -10.74 5.29 -18.42
C LYS H 109 -11.75 6.42 -18.29
N TYR H 110 -12.60 6.58 -19.31
CA TYR H 110 -13.57 7.67 -19.33
C TYR H 110 -14.94 7.26 -18.77
N GLY H 111 -14.92 6.20 -17.95
CA GLY H 111 -16.09 5.79 -17.19
C GLY H 111 -17.27 5.47 -18.06
N ARG H 112 -16.98 5.06 -19.29
CA ARG H 112 -17.99 4.76 -20.28
C ARG H 112 -18.72 3.47 -19.91
N VAL H 113 -18.23 2.79 -18.88
CA VAL H 113 -18.75 1.48 -18.50
C VAL H 113 -18.45 1.16 -17.03
N SER H 114 -19.42 0.59 -16.33
CA SER H 114 -19.34 0.49 -14.87
C SER H 114 -18.93 -0.88 -14.30
N ASP H 115 -18.48 -0.85 -13.05
CA ASP H 115 -18.12 -2.04 -12.28
C ASP H 115 -16.94 -2.83 -12.84
N PRO H 116 -15.74 -2.21 -12.84
CA PRO H 116 -14.59 -2.92 -13.38
C PRO H 116 -14.22 -4.08 -12.46
N ASN H 117 -13.90 -5.22 -13.06
CA ASN H 117 -13.53 -6.39 -12.26
C ASN H 117 -12.21 -6.17 -11.54
N GLY H 118 -11.28 -5.49 -12.20
CA GLY H 118 -9.99 -5.16 -11.60
C GLY H 118 -10.05 -4.15 -10.47
N GLY H 119 -11.26 -3.69 -10.14
CA GLY H 119 -11.44 -2.80 -9.01
C GLY H 119 -11.69 -1.35 -9.40
N ARG H 120 -12.19 -0.56 -8.43
CA ARG H 120 -12.50 0.85 -8.66
C ARG H 120 -11.36 1.60 -9.36
N VAL H 121 -11.68 2.30 -10.44
CA VAL H 121 -10.65 3.06 -11.13
C VAL H 121 -10.39 4.39 -10.42
N ASN H 122 -9.48 4.38 -9.46
CA ASN H 122 -9.06 5.60 -8.80
C ASN H 122 -8.00 6.28 -9.65
N LYS H 123 -7.51 7.41 -9.17
CA LYS H 123 -6.54 8.20 -9.92
C LYS H 123 -5.34 7.33 -10.32
N ASP H 124 -4.86 6.53 -9.37
CA ASP H 124 -3.73 5.64 -9.63
C ASP H 124 -3.98 4.69 -10.79
N VAL H 125 -5.12 4.01 -10.76
CA VAL H 125 -5.45 3.07 -11.81
C VAL H 125 -5.65 3.81 -13.15
N GLU H 126 -6.28 4.97 -13.08
CA GLU H 126 -6.50 5.75 -14.28
C GLU H 126 -5.18 6.01 -15.01
N GLU H 127 -4.15 6.39 -14.25
CA GLU H 127 -2.84 6.68 -14.86
C GLU H 127 -2.16 5.47 -15.53
N ILE H 128 -2.23 4.29 -14.91
CA ILE H 128 -1.64 3.10 -15.55
C ILE H 128 -2.50 2.61 -16.70
N ILE H 129 -3.79 2.92 -16.67
CA ILE H 129 -4.64 2.70 -17.82
C ILE H 129 -4.17 3.60 -18.97
N SER H 130 -3.97 4.88 -18.67
CA SER H 130 -3.39 5.82 -19.62
C SER H 130 -2.05 5.35 -20.18
N MET H 131 -1.19 4.81 -19.31
CA MET H 131 0.10 4.31 -19.75
C MET H 131 -0.11 3.16 -20.71
N ALA H 132 -1.17 2.40 -20.49
CA ALA H 132 -1.47 1.27 -21.35
C ALA H 132 -2.05 1.79 -22.68
N VAL H 133 -2.99 2.72 -22.57
CA VAL H 133 -3.59 3.37 -23.71
C VAL H 133 -2.50 3.93 -24.62
N ASP H 134 -1.50 4.59 -24.03
CA ASP H 134 -0.38 5.09 -24.81
C ASP H 134 0.37 3.95 -25.48
N ASP H 135 0.76 2.97 -24.68
CA ASP H 135 1.48 1.81 -25.18
C ASP H 135 0.84 1.31 -26.49
N LEU H 136 -0.49 1.19 -26.47
CA LEU H 136 -1.26 0.63 -27.57
C LEU H 136 -1.32 1.56 -28.79
N GLU H 137 -1.58 2.84 -28.54
CA GLU H 137 -1.62 3.82 -29.61
C GLU H 137 -0.27 3.97 -30.35
N ASN H 138 0.80 3.44 -29.78
CA ASN H 138 2.12 3.54 -30.37
C ASN H 138 2.71 2.20 -30.76
N MET H 139 1.86 1.19 -30.92
CA MET H 139 2.34 -0.15 -31.15
C MET H 139 1.67 -0.78 -32.37
C CO3 I . -14.02 -65.92 -6.42
O1 CO3 I . -15.02 -65.66 -7.16
O2 CO3 I . -14.10 -66.01 -5.16
O3 CO3 I . -12.91 -66.07 -6.96
#